data_4AK4
#
_entry.id   4AK4
#
_cell.length_a   76.171
_cell.length_b   121.729
_cell.length_c   77.736
_cell.angle_alpha   90.00
_cell.angle_beta   90.61
_cell.angle_gamma   90.00
#
_symmetry.space_group_name_H-M   'P 1 21 1'
#
loop_
_entity.id
_entity.type
_entity.pdbx_description
1 polymer 'AGGLUTININ ALPHA CHAIN'
2 polymer 'AGGLUTININ BETA-4 CHAIN'
3 non-polymer 'HEXAETHYLENE GLYCOL'
4 water water
#
loop_
_entity_poly.entity_id
_entity_poly.type
_entity_poly.pdbx_seq_one_letter_code
_entity_poly.pdbx_strand_id
1 'polypeptide(L)'
;GKAFDDGVFTGIREINLSYNKETAIGDFQVVYDLNGSPYVGENHKSFITGFTPVKISLDFPSEYIMEVSGYTGKVSGYVV
VRSLTFKTNKKTYGPYGVTSGTPFSLPIENGLIVGFKGSIGYWLDYFSMYLSL
;
A,C,E,G,I,K,M,O
2 'polypeptide(L)' NEQSGISQTVIVGPWGAQVST B,D,F,H,J,L,N,P
#
loop_
_chem_comp.id
_chem_comp.type
_chem_comp.name
_chem_comp.formula
P6G non-polymer 'HEXAETHYLENE GLYCOL' 'C12 H26 O7'
#
# COMPACT_ATOMS: atom_id res chain seq x y z
N GLY A 1 -1.12 -38.51 3.90
CA GLY A 1 -2.25 -38.49 2.98
C GLY A 1 -2.08 -37.48 1.86
N LYS A 2 -3.08 -37.41 0.97
CA LYS A 2 -3.07 -36.47 -0.15
C LYS A 2 -3.77 -35.19 0.29
N ALA A 3 -3.05 -34.05 0.31
CA ALA A 3 -3.66 -32.77 0.68
C ALA A 3 -4.66 -32.34 -0.40
N PHE A 4 -5.69 -31.58 -0.01
CA PHE A 4 -6.65 -31.01 -0.93
C PHE A 4 -7.03 -29.62 -0.45
N ASP A 5 -7.50 -28.78 -1.38
CA ASP A 5 -7.92 -27.44 -1.04
C ASP A 5 -8.92 -27.04 -2.09
N ASP A 6 -10.21 -27.03 -1.74
CA ASP A 6 -11.26 -26.64 -2.70
C ASP A 6 -11.26 -25.17 -2.99
N GLY A 7 -10.81 -24.38 -2.03
CA GLY A 7 -10.85 -22.94 -2.15
C GLY A 7 -12.19 -22.41 -1.64
N VAL A 8 -12.50 -21.20 -2.04
CA VAL A 8 -13.63 -20.44 -1.55
C VAL A 8 -14.71 -20.21 -2.64
N PHE A 9 -15.97 -20.30 -2.21
CA PHE A 9 -17.14 -20.22 -3.07
C PHE A 9 -18.20 -19.27 -2.46
N THR A 10 -19.40 -19.26 -3.03
CA THR A 10 -20.47 -18.36 -2.59
C THR A 10 -21.29 -19.00 -1.45
N GLY A 11 -21.24 -20.31 -1.32
CA GLY A 11 -22.00 -20.99 -0.28
C GLY A 11 -21.92 -22.49 -0.45
N ILE A 12 -22.74 -23.22 0.31
CA ILE A 12 -22.75 -24.69 0.29
C ILE A 12 -24.14 -25.20 -0.07
N ARG A 13 -24.18 -26.16 -1.00
CA ARG A 13 -25.43 -26.79 -1.45
C ARG A 13 -25.57 -28.24 -0.96
N GLU A 14 -24.47 -29.00 -0.96
CA GLU A 14 -24.50 -30.41 -0.57
C GLU A 14 -23.17 -30.84 -0.02
N ILE A 15 -23.19 -31.74 0.94
CA ILE A 15 -21.99 -32.36 1.49
C ILE A 15 -22.16 -33.85 1.39
N ASN A 16 -21.21 -34.51 0.72
CA ASN A 16 -21.18 -35.97 0.63
C ASN A 16 -20.00 -36.43 1.48
N LEU A 17 -20.22 -37.45 2.27
CA LEU A 17 -19.13 -37.97 3.09
C LEU A 17 -19.37 -39.44 3.32
N SER A 18 -18.40 -40.13 3.93
CA SER A 18 -18.63 -41.52 4.31
C SER A 18 -17.90 -41.76 5.62
N TYR A 19 -18.30 -42.80 6.34
CA TYR A 19 -17.67 -43.11 7.63
C TYR A 19 -17.74 -44.58 7.96
N ASN A 20 -16.94 -45.00 8.94
CA ASN A 20 -17.02 -46.36 9.45
C ASN A 20 -16.89 -46.22 10.97
N LYS A 21 -17.85 -46.76 11.73
CA LYS A 21 -17.85 -46.62 13.21
C LYS A 21 -16.54 -47.12 13.89
N GLU A 22 -15.85 -48.11 13.28
CA GLU A 22 -14.63 -48.69 13.84
C GLU A 22 -13.40 -47.84 13.51
N THR A 23 -13.55 -46.97 12.50
CA THR A 23 -12.44 -46.14 12.06
C THR A 23 -12.79 -44.66 12.05
N ALA A 24 -12.98 -44.06 10.86
CA ALA A 24 -13.13 -42.62 10.78
C ALA A 24 -13.84 -42.21 9.47
N ILE A 25 -13.81 -40.92 9.14
CA ILE A 25 -14.36 -40.37 7.90
C ILE A 25 -13.53 -40.88 6.71
N GLY A 26 -14.17 -41.39 5.67
CA GLY A 26 -13.51 -41.98 4.50
C GLY A 26 -13.74 -41.33 3.14
N ASP A 27 -14.51 -40.28 3.11
CA ASP A 27 -14.77 -39.55 1.86
C ASP A 27 -15.25 -38.20 2.23
N PHE A 28 -14.93 -37.20 1.39
CA PHE A 28 -15.43 -35.84 1.61
C PHE A 28 -15.53 -35.17 0.28
N GLN A 29 -16.74 -34.72 -0.07
CA GLN A 29 -16.99 -34.05 -1.34
CA GLN A 29 -16.99 -34.03 -1.34
C GLN A 29 -18.08 -33.01 -1.14
N VAL A 30 -17.88 -31.81 -1.66
CA VAL A 30 -18.86 -30.74 -1.48
C VAL A 30 -19.36 -30.21 -2.81
N VAL A 31 -20.67 -29.98 -2.91
CA VAL A 31 -21.27 -29.26 -4.02
C VAL A 31 -21.49 -27.84 -3.46
N TYR A 32 -20.73 -26.90 -3.98
CA TYR A 32 -20.80 -25.51 -3.57
C TYR A 32 -21.80 -24.75 -4.41
N ASP A 33 -22.12 -23.54 -3.95
CA ASP A 33 -22.82 -22.59 -4.79
C ASP A 33 -21.73 -21.68 -5.33
N LEU A 34 -21.75 -21.41 -6.63
CA LEU A 34 -20.84 -20.47 -7.25
C LEU A 34 -21.70 -19.48 -8.03
N ASN A 35 -22.00 -18.34 -7.38
CA ASN A 35 -22.79 -17.27 -7.99
C ASN A 35 -24.15 -17.75 -8.53
N GLY A 36 -24.77 -18.69 -7.80
CA GLY A 36 -26.09 -19.18 -8.17
C GLY A 36 -26.14 -20.55 -8.81
N SER A 37 -24.98 -21.05 -9.30
N SER A 37 -24.98 -21.05 -9.29
CA SER A 37 -24.91 -22.36 -9.93
CA SER A 37 -24.94 -22.36 -9.92
C SER A 37 -24.16 -23.37 -9.09
C SER A 37 -24.18 -23.37 -9.06
N PRO A 38 -24.61 -24.65 -9.03
CA PRO A 38 -23.86 -25.66 -8.27
C PRO A 38 -22.49 -25.87 -8.92
N TYR A 39 -21.48 -26.00 -8.06
CA TYR A 39 -20.12 -26.25 -8.50
C TYR A 39 -19.71 -27.51 -7.77
N VAL A 40 -19.51 -28.60 -8.52
CA VAL A 40 -19.17 -29.88 -7.93
C VAL A 40 -17.68 -29.91 -7.57
N GLY A 41 -17.39 -29.90 -6.27
CA GLY A 41 -16.00 -30.00 -5.82
C GLY A 41 -15.43 -31.36 -6.15
N GLU A 42 -14.09 -31.47 -6.17
N GLU A 42 -14.09 -31.46 -6.17
CA GLU A 42 -13.40 -32.73 -6.41
CA GLU A 42 -13.39 -32.71 -6.40
C GLU A 42 -13.75 -33.70 -5.28
C GLU A 42 -13.74 -33.70 -5.28
N ASN A 43 -13.90 -35.00 -5.62
CA ASN A 43 -14.21 -36.02 -4.63
C ASN A 43 -12.91 -36.45 -3.94
N HIS A 44 -12.78 -36.16 -2.63
CA HIS A 44 -11.62 -36.47 -1.81
C HIS A 44 -11.91 -37.79 -1.14
N LYS A 45 -11.43 -38.83 -1.76
CA LYS A 45 -11.79 -40.17 -1.34
C LYS A 45 -10.67 -41.00 -0.71
N SER A 46 -11.06 -41.87 0.22
CA SER A 46 -10.14 -42.77 0.91
C SER A 46 -9.43 -43.68 -0.06
N PHE A 47 -8.22 -44.11 0.33
CA PHE A 47 -7.42 -45.07 -0.41
C PHE A 47 -8.01 -46.49 -0.27
N ILE A 48 -9.00 -46.69 0.67
CA ILE A 48 -9.68 -47.97 1.02
C ILE A 48 -11.23 -47.94 0.98
N THR A 49 -11.91 -49.12 1.18
CA THR A 49 -13.38 -49.29 1.11
C THR A 49 -14.07 -49.79 2.41
N GLY A 50 -15.39 -50.00 2.36
CA GLY A 50 -16.21 -50.44 3.49
C GLY A 50 -16.86 -49.33 4.30
N PHE A 51 -16.95 -48.11 3.74
CA PHE A 51 -17.57 -46.97 4.44
C PHE A 51 -19.09 -46.81 4.17
N THR A 52 -19.81 -46.21 5.14
CA THR A 52 -21.26 -45.93 5.05
C THR A 52 -21.40 -44.56 4.38
N PRO A 53 -22.06 -44.47 3.19
CA PRO A 53 -22.18 -43.15 2.52
C PRO A 53 -23.29 -42.26 3.07
N VAL A 54 -23.04 -40.93 3.06
CA VAL A 54 -23.98 -39.96 3.59
C VAL A 54 -24.08 -38.82 2.58
N LYS A 55 -25.30 -38.37 2.28
CA LYS A 55 -25.48 -37.18 1.43
C LYS A 55 -26.29 -36.18 2.24
N ILE A 56 -25.72 -35.00 2.50
CA ILE A 56 -26.42 -33.93 3.23
C ILE A 56 -26.83 -32.92 2.17
N SER A 57 -28.13 -32.83 1.83
CA SER A 57 -28.60 -31.88 0.83
C SER A 57 -29.20 -30.70 1.55
N LEU A 58 -28.63 -29.52 1.36
CA LEU A 58 -29.15 -28.36 2.07
C LEU A 58 -30.16 -27.59 1.25
N ASP A 59 -31.17 -26.99 1.92
CA ASP A 59 -32.19 -26.16 1.26
C ASP A 59 -31.60 -24.76 1.03
N PHE A 60 -30.52 -24.69 0.23
CA PHE A 60 -29.85 -23.45 -0.12
C PHE A 60 -30.82 -22.56 -0.94
N PRO A 61 -30.83 -21.21 -0.72
CA PRO A 61 -29.99 -20.45 0.23
C PRO A 61 -30.55 -20.27 1.64
N SER A 62 -31.85 -20.61 1.89
CA SER A 62 -32.44 -20.42 3.23
CA SER A 62 -32.44 -20.40 3.23
C SER A 62 -31.75 -21.23 4.31
N GLU A 63 -31.34 -22.47 4.00
CA GLU A 63 -30.68 -23.32 4.99
C GLU A 63 -29.16 -23.25 4.83
N TYR A 64 -28.46 -23.02 5.96
CA TYR A 64 -27.00 -22.94 5.95
C TYR A 64 -26.44 -23.47 7.28
N ILE A 65 -25.21 -23.94 7.25
CA ILE A 65 -24.54 -24.52 8.41
C ILE A 65 -24.25 -23.44 9.45
N MET A 66 -24.64 -23.70 10.70
CA MET A 66 -24.43 -22.83 11.85
C MET A 66 -23.39 -23.42 12.82
N GLU A 67 -23.08 -24.72 12.69
CA GLU A 67 -22.06 -25.34 13.53
C GLU A 67 -21.51 -26.59 12.89
N VAL A 68 -20.18 -26.76 12.97
CA VAL A 68 -19.53 -27.99 12.53
C VAL A 68 -18.84 -28.50 13.80
N SER A 69 -19.13 -29.73 14.17
CA SER A 69 -18.48 -30.33 15.34
C SER A 69 -18.06 -31.74 14.98
N GLY A 70 -17.25 -32.35 15.83
CA GLY A 70 -16.82 -33.71 15.56
C GLY A 70 -15.83 -34.17 16.60
N TYR A 71 -15.12 -35.25 16.27
CA TYR A 71 -14.13 -35.84 17.17
C TYR A 71 -12.93 -36.26 16.39
N THR A 72 -11.76 -36.13 17.02
CA THR A 72 -10.51 -36.61 16.44
C THR A 72 -10.01 -37.72 17.34
N GLY A 73 -9.20 -38.60 16.78
CA GLY A 73 -8.66 -39.68 17.57
C GLY A 73 -7.67 -40.50 16.77
N LYS A 74 -6.96 -41.39 17.45
CA LYS A 74 -5.98 -42.22 16.79
C LYS A 74 -6.68 -43.46 16.23
N VAL A 75 -6.43 -43.72 14.95
CA VAL A 75 -6.94 -44.89 14.23
C VAL A 75 -5.72 -45.50 13.53
N SER A 76 -5.40 -46.76 13.86
CA SER A 76 -4.27 -47.46 13.24
C SER A 76 -2.94 -46.63 13.28
N GLY A 77 -2.74 -45.91 14.37
CA GLY A 77 -1.53 -45.11 14.57
C GLY A 77 -1.53 -43.71 13.99
N TYR A 78 -2.66 -43.29 13.39
CA TYR A 78 -2.79 -41.96 12.79
C TYR A 78 -3.86 -41.14 13.50
N VAL A 79 -3.58 -39.84 13.75
CA VAL A 79 -4.59 -38.94 14.31
C VAL A 79 -5.48 -38.54 13.12
N VAL A 80 -6.77 -38.81 13.23
CA VAL A 80 -7.74 -38.54 12.15
C VAL A 80 -9.05 -37.98 12.67
N VAL A 81 -9.94 -37.56 11.75
CA VAL A 81 -11.27 -37.04 12.08
C VAL A 81 -12.20 -38.25 12.10
N ARG A 82 -12.63 -38.65 13.30
CA ARG A 82 -13.44 -39.87 13.47
C ARG A 82 -14.92 -39.68 13.23
N SER A 83 -15.43 -38.45 13.47
CA SER A 83 -16.85 -38.16 13.45
C SER A 83 -17.09 -36.72 13.07
N LEU A 84 -18.20 -36.46 12.36
CA LEU A 84 -18.61 -35.11 12.02
C LEU A 84 -20.11 -34.94 12.24
N THR A 85 -20.51 -33.73 12.64
CA THR A 85 -21.91 -33.33 12.78
C THR A 85 -22.03 -31.94 12.17
N PHE A 86 -23.08 -31.72 11.41
CA PHE A 86 -23.35 -30.41 10.77
C PHE A 86 -24.72 -29.94 11.24
N LYS A 87 -24.75 -28.83 11.99
CA LYS A 87 -26.01 -28.28 12.45
C LYS A 87 -26.34 -27.11 11.59
N THR A 88 -27.59 -27.08 11.08
CA THR A 88 -28.01 -25.93 10.28
C THR A 88 -29.10 -25.19 11.04
N ASN A 89 -29.60 -24.09 10.46
CA ASN A 89 -30.73 -23.38 11.06
C ASN A 89 -32.05 -24.19 10.93
N LYS A 90 -32.03 -25.33 10.21
CA LYS A 90 -33.19 -26.21 10.03
C LYS A 90 -33.10 -27.44 10.94
N LYS A 91 -31.96 -28.13 10.95
CA LYS A 91 -31.82 -29.38 11.72
C LYS A 91 -30.36 -29.76 11.92
N THR A 92 -30.14 -30.88 12.61
CA THR A 92 -28.81 -31.43 12.86
C THR A 92 -28.63 -32.66 12.00
N TYR A 93 -27.54 -32.66 11.22
CA TYR A 93 -27.13 -33.77 10.37
C TYR A 93 -25.98 -34.47 11.06
N GLY A 94 -26.24 -35.67 11.56
CA GLY A 94 -25.24 -36.45 12.26
C GLY A 94 -25.59 -36.73 13.72
N PRO A 95 -24.64 -37.20 14.52
CA PRO A 95 -23.22 -37.49 14.19
C PRO A 95 -23.05 -38.63 13.17
N TYR A 96 -22.03 -38.50 12.33
CA TYR A 96 -21.64 -39.51 11.35
C TYR A 96 -20.26 -39.99 11.81
N GLY A 97 -20.22 -41.17 12.41
CA GLY A 97 -19.00 -41.69 13.03
C GLY A 97 -19.15 -41.59 14.53
N VAL A 98 -18.39 -42.39 15.29
CA VAL A 98 -18.56 -42.44 16.74
C VAL A 98 -18.20 -41.16 17.45
N THR A 99 -18.98 -40.82 18.48
CA THR A 99 -18.70 -39.63 19.28
C THR A 99 -17.69 -39.94 20.38
N SER A 100 -16.44 -40.23 19.98
CA SER A 100 -15.35 -40.60 20.88
C SER A 100 -14.03 -40.01 20.43
N GLY A 101 -13.21 -39.67 21.41
CA GLY A 101 -11.91 -39.07 21.17
C GLY A 101 -11.90 -37.66 21.69
N THR A 102 -11.17 -36.77 21.02
CA THR A 102 -11.13 -35.40 21.47
C THR A 102 -12.19 -34.60 20.70
N PRO A 103 -13.18 -33.96 21.36
CA PRO A 103 -14.17 -33.17 20.60
C PRO A 103 -13.59 -31.86 20.08
N PHE A 104 -14.20 -31.33 19.01
CA PHE A 104 -13.95 -29.98 18.51
C PHE A 104 -15.30 -29.46 18.06
N SER A 105 -15.47 -28.14 18.09
CA SER A 105 -16.74 -27.50 17.75
CA SER A 105 -16.71 -27.54 17.60
C SER A 105 -16.48 -26.12 17.13
N LEU A 106 -17.11 -25.83 16.01
CA LEU A 106 -17.00 -24.52 15.40
C LEU A 106 -18.42 -23.98 15.18
N PRO A 107 -19.01 -23.35 16.21
CA PRO A 107 -20.31 -22.67 16.00
C PRO A 107 -20.06 -21.32 15.35
N ILE A 108 -21.03 -20.88 14.53
CA ILE A 108 -20.91 -19.61 13.82
C ILE A 108 -22.08 -18.73 14.21
N GLU A 109 -21.80 -17.52 14.71
CA GLU A 109 -22.86 -16.60 15.11
C GLU A 109 -23.20 -15.69 13.96
N ASN A 110 -22.18 -15.30 13.16
CA ASN A 110 -22.38 -14.45 11.99
C ASN A 110 -21.38 -14.85 10.91
N GLY A 111 -21.86 -15.02 9.70
CA GLY A 111 -21.00 -15.42 8.60
C GLY A 111 -21.30 -16.82 8.12
N LEU A 112 -20.52 -17.28 7.16
CA LEU A 112 -20.79 -18.57 6.53
C LEU A 112 -19.54 -19.36 6.24
N ILE A 113 -19.67 -20.69 6.19
CA ILE A 113 -18.57 -21.53 5.69
C ILE A 113 -18.67 -21.48 4.15
N VAL A 114 -17.59 -21.17 3.46
CA VAL A 114 -17.60 -21.04 1.99
C VAL A 114 -16.59 -21.94 1.27
N GLY A 115 -15.93 -22.83 2.04
CA GLY A 115 -14.93 -23.70 1.44
C GLY A 115 -14.30 -24.62 2.45
N PHE A 116 -13.71 -25.71 1.96
CA PHE A 116 -13.02 -26.68 2.82
C PHE A 116 -11.65 -26.99 2.22
N LYS A 117 -10.70 -27.34 3.07
CA LYS A 117 -9.37 -27.84 2.68
C LYS A 117 -8.97 -28.88 3.73
N GLY A 118 -7.99 -29.70 3.42
CA GLY A 118 -7.60 -30.74 4.37
C GLY A 118 -6.69 -31.78 3.76
N SER A 119 -6.77 -33.01 4.27
CA SER A 119 -5.96 -34.10 3.73
C SER A 119 -6.67 -35.39 3.98
N ILE A 120 -6.56 -36.32 3.01
CA ILE A 120 -7.13 -37.66 3.16
CA ILE A 120 -7.16 -37.65 3.11
C ILE A 120 -6.14 -38.72 2.72
N GLY A 121 -5.97 -39.75 3.58
CA GLY A 121 -5.11 -40.89 3.32
C GLY A 121 -6.04 -42.08 3.34
N TYR A 122 -5.94 -42.94 4.35
CA TYR A 122 -6.93 -44.00 4.52
C TYR A 122 -8.23 -43.31 5.03
N TRP A 123 -8.06 -42.23 5.82
CA TRP A 123 -9.17 -41.45 6.40
C TRP A 123 -8.88 -39.97 6.30
N LEU A 124 -9.86 -39.16 6.70
CA LEU A 124 -9.72 -37.70 6.71
C LEU A 124 -8.72 -37.37 7.82
N ASP A 125 -7.51 -36.93 7.44
CA ASP A 125 -6.46 -36.64 8.41
C ASP A 125 -6.75 -35.37 9.18
N TYR A 126 -7.13 -34.31 8.46
CA TYR A 126 -7.43 -33.02 9.06
C TYR A 126 -8.23 -32.20 8.07
N PHE A 127 -8.82 -31.12 8.55
CA PHE A 127 -9.54 -30.20 7.68
C PHE A 127 -9.60 -28.82 8.30
N SER A 128 -9.79 -27.84 7.43
CA SER A 128 -9.94 -26.43 7.80
C SER A 128 -11.13 -25.90 6.99
N MET A 129 -11.66 -24.76 7.44
CA MET A 129 -12.83 -24.15 6.78
C MET A 129 -12.61 -22.69 6.44
N TYR A 130 -13.03 -22.28 5.26
CA TYR A 130 -12.96 -20.88 4.83
C TYR A 130 -14.24 -20.24 5.35
N LEU A 131 -14.14 -19.06 6.01
CA LEU A 131 -15.30 -18.34 6.52
C LEU A 131 -15.42 -16.99 5.87
N SER A 132 -16.66 -16.55 5.62
CA SER A 132 -16.82 -15.22 5.03
C SER A 132 -18.16 -14.67 5.39
N LEU A 133 -18.34 -13.36 5.19
CA LEU A 133 -19.68 -12.79 5.25
C LEU A 133 -20.36 -13.09 3.89
N GLN B 3 1.56 -8.00 -2.07
CA GLN B 3 0.24 -7.81 -2.64
C GLN B 3 0.12 -8.64 -3.92
N SER B 4 -0.71 -9.69 -3.91
CA SER B 4 -0.90 -10.54 -5.09
C SER B 4 -2.31 -10.33 -5.65
N GLY B 5 -2.56 -10.92 -6.80
CA GLY B 5 -3.85 -10.86 -7.48
C GLY B 5 -4.81 -11.93 -7.00
N ILE B 6 -4.51 -12.61 -5.87
CA ILE B 6 -5.38 -13.67 -5.35
C ILE B 6 -6.16 -13.16 -4.14
N SER B 7 -7.50 -13.24 -4.19
N SER B 7 -7.50 -13.27 -4.18
CA SER B 7 -8.35 -12.81 -3.07
CA SER B 7 -8.39 -12.87 -3.08
C SER B 7 -8.17 -13.74 -1.87
C SER B 7 -8.16 -13.76 -1.86
N GLN B 8 -8.28 -13.20 -0.65
CA GLN B 8 -8.09 -14.02 0.56
C GLN B 8 -9.34 -14.05 1.40
N THR B 9 -9.39 -15.03 2.29
CA THR B 9 -10.54 -15.26 3.13
C THR B 9 -10.05 -15.72 4.50
N VAL B 10 -10.85 -15.49 5.55
CA VAL B 10 -10.53 -16.05 6.88
C VAL B 10 -10.54 -17.58 6.74
N ILE B 11 -9.59 -18.26 7.39
CA ILE B 11 -9.54 -19.73 7.38
C ILE B 11 -9.34 -20.16 8.85
N VAL B 12 -10.21 -21.05 9.34
CA VAL B 12 -10.09 -21.62 10.68
C VAL B 12 -9.77 -23.11 10.57
N GLY B 13 -8.97 -23.58 11.51
CA GLY B 13 -8.46 -24.93 11.56
C GLY B 13 -6.95 -24.90 11.41
N PRO B 14 -6.31 -26.07 11.22
CA PRO B 14 -6.96 -27.38 11.03
C PRO B 14 -7.34 -28.09 12.31
N TRP B 15 -8.32 -29.00 12.20
CA TRP B 15 -8.68 -29.95 13.27
C TRP B 15 -8.27 -31.32 12.71
N GLY B 16 -7.58 -32.15 13.52
CA GLY B 16 -7.10 -33.46 13.11
C GLY B 16 -5.60 -33.56 13.35
N ALA B 17 -4.90 -34.34 12.51
CA ALA B 17 -3.44 -34.52 12.59
C ALA B 17 -2.66 -33.19 12.46
N GLN B 18 -1.79 -32.90 13.44
CA GLN B 18 -0.98 -31.66 13.49
C GLN B 18 0.44 -31.96 13.95
N GLY C 1 -31.35 -2.74 -22.17
CA GLY C 1 -30.28 -3.71 -22.35
C GLY C 1 -30.51 -4.99 -21.57
N LYS C 2 -29.70 -6.02 -21.86
CA LYS C 2 -29.78 -7.31 -21.18
C LYS C 2 -28.83 -7.25 -19.98
N ALA C 3 -29.37 -7.32 -18.77
CA ALA C 3 -28.54 -7.28 -17.56
C ALA C 3 -27.69 -8.54 -17.46
N PHE C 4 -26.48 -8.41 -16.89
CA PHE C 4 -25.61 -9.55 -16.63
C PHE C 4 -25.00 -9.41 -15.25
N ASP C 5 -24.62 -10.53 -14.67
CA ASP C 5 -23.98 -10.51 -13.36
C ASP C 5 -23.14 -11.77 -13.24
N ASP C 6 -21.83 -11.62 -13.38
CA ASP C 6 -20.91 -12.79 -13.28
C ASP C 6 -20.75 -13.29 -11.85
N GLY C 7 -20.98 -12.42 -10.87
CA GLY C 7 -20.75 -12.74 -9.47
C GLY C 7 -19.27 -12.58 -9.13
N VAL C 8 -18.84 -13.15 -8.00
CA VAL C 8 -17.47 -13.04 -7.46
C VAL C 8 -16.62 -14.27 -7.63
N PHE C 9 -15.34 -14.02 -7.88
CA PHE C 9 -14.35 -15.07 -8.05
C PHE C 9 -13.09 -14.75 -7.20
N THR C 10 -11.96 -15.36 -7.54
CA THR C 10 -10.77 -15.14 -6.71
C THR C 10 -9.76 -14.16 -7.33
N GLY C 11 -10.02 -13.78 -8.57
CA GLY C 11 -9.15 -12.85 -9.29
C GLY C 11 -9.50 -12.78 -10.77
N ILE C 12 -8.67 -12.09 -11.54
CA ILE C 12 -8.90 -11.88 -12.97
C ILE C 12 -7.69 -12.36 -13.76
N ARG C 13 -7.94 -13.15 -14.81
CA ARG C 13 -6.87 -13.65 -15.70
C ARG C 13 -6.82 -12.90 -17.05
N GLU C 14 -8.00 -12.61 -17.62
CA GLU C 14 -8.11 -11.98 -18.94
C GLU C 14 -9.46 -11.28 -19.10
N ILE C 15 -9.46 -10.14 -19.83
CA ILE C 15 -10.67 -9.41 -20.16
C ILE C 15 -10.74 -9.36 -21.71
N ASN C 16 -11.89 -9.75 -22.25
CA ASN C 16 -12.15 -9.66 -23.67
C ASN C 16 -13.29 -8.70 -23.88
N LEU C 17 -12.99 -7.56 -24.48
CA LEU C 17 -14.01 -6.56 -24.77
C LEU C 17 -13.96 -6.13 -26.23
N SER C 18 -14.98 -5.39 -26.66
CA SER C 18 -15.00 -4.84 -28.00
C SER C 18 -15.51 -3.40 -27.97
N TYR C 19 -15.07 -2.59 -28.94
CA TYR C 19 -15.43 -1.18 -28.95
C TYR C 19 -15.61 -0.68 -30.38
N ASN C 20 -16.18 0.50 -30.52
CA ASN C 20 -16.33 1.16 -31.81
C ASN C 20 -15.91 2.60 -31.60
N LYS C 21 -14.94 3.09 -32.40
CA LYS C 21 -14.38 4.46 -32.33
C LYS C 21 -15.38 5.59 -32.57
N GLU C 22 -16.58 5.28 -33.05
CA GLU C 22 -17.64 6.25 -33.30
C GLU C 22 -18.69 6.21 -32.19
N THR C 23 -18.81 5.09 -31.45
CA THR C 23 -19.86 4.96 -30.44
C THR C 23 -19.38 4.70 -29.00
N ALA C 24 -19.27 3.42 -28.61
CA ALA C 24 -18.96 3.01 -27.24
C ALA C 24 -18.47 1.57 -27.15
N ILE C 25 -18.39 1.03 -25.92
CA ILE C 25 -18.01 -0.35 -25.66
C ILE C 25 -19.19 -1.23 -26.06
N GLY C 26 -18.89 -2.36 -26.68
CA GLY C 26 -19.90 -3.32 -27.12
C GLY C 26 -19.89 -4.54 -26.22
N ASP C 27 -19.15 -5.59 -26.63
CA ASP C 27 -19.06 -6.87 -25.93
C ASP C 27 -18.17 -6.83 -24.69
N PHE C 28 -18.45 -7.69 -23.71
CA PHE C 28 -17.61 -7.74 -22.51
C PHE C 28 -17.63 -9.17 -21.99
N GLN C 29 -16.44 -9.72 -21.72
CA GLN C 29 -16.31 -11.09 -21.22
C GLN C 29 -15.04 -11.20 -20.40
N VAL C 30 -15.08 -12.02 -19.34
CA VAL C 30 -13.93 -12.12 -18.46
C VAL C 30 -13.56 -13.56 -18.20
N VAL C 31 -12.25 -13.86 -18.23
CA VAL C 31 -11.74 -15.17 -17.78
C VAL C 31 -11.28 -14.86 -16.34
N TYR C 32 -11.97 -15.43 -15.35
CA TYR C 32 -11.63 -15.20 -13.96
C TYR C 32 -10.67 -16.26 -13.48
N ASP C 33 -10.12 -16.05 -12.28
CA ASP C 33 -9.40 -17.11 -11.59
C ASP C 33 -10.41 -17.62 -10.59
N LEU C 34 -10.48 -18.93 -10.48
CA LEU C 34 -11.33 -19.55 -9.47
C LEU C 34 -10.43 -20.51 -8.72
N ASN C 35 -9.94 -20.08 -7.54
CA ASN C 35 -9.09 -20.91 -6.67
C ASN C 35 -7.88 -21.55 -7.39
N GLY C 36 -7.16 -20.73 -8.16
CA GLY C 36 -5.95 -21.18 -8.87
C GLY C 36 -6.13 -21.76 -10.27
N SER C 37 -7.38 -21.83 -10.75
CA SER C 37 -7.67 -22.33 -12.10
C SER C 37 -8.50 -21.32 -12.90
N PRO C 38 -8.29 -21.24 -14.23
CA PRO C 38 -9.12 -20.32 -15.02
C PRO C 38 -10.58 -20.75 -14.99
N TYR C 39 -11.48 -19.77 -15.03
CA TYR C 39 -12.92 -19.94 -15.08
C TYR C 39 -13.39 -18.98 -16.17
N VAL C 40 -13.87 -19.54 -17.29
CA VAL C 40 -14.30 -18.71 -18.41
C VAL C 40 -15.70 -18.17 -18.17
N GLY C 41 -15.81 -16.85 -18.01
CA GLY C 41 -17.11 -16.23 -17.82
C GLY C 41 -17.90 -16.19 -19.12
N GLU C 42 -19.22 -16.01 -19.02
CA GLU C 42 -20.07 -15.94 -20.22
C GLU C 42 -19.76 -14.68 -21.03
N ASN C 43 -19.84 -14.79 -22.37
CA ASN C 43 -19.62 -13.63 -23.23
C ASN C 43 -20.91 -12.81 -23.20
N HIS C 44 -20.80 -11.55 -22.79
CA HIS C 44 -21.94 -10.64 -22.74
C HIS C 44 -21.84 -9.83 -24.01
N LYS C 45 -22.74 -10.10 -24.95
CA LYS C 45 -22.71 -9.52 -26.29
C LYS C 45 -23.67 -8.39 -26.61
N SER C 46 -23.19 -7.43 -27.40
CA SER C 46 -24.02 -6.35 -27.94
C SER C 46 -25.14 -6.95 -28.82
N PHE C 47 -26.25 -6.22 -28.98
CA PHE C 47 -27.34 -6.65 -29.88
C PHE C 47 -26.91 -6.48 -31.35
N ILE C 48 -25.83 -5.70 -31.60
CA ILE C 48 -25.30 -5.39 -32.93
C ILE C 48 -23.84 -5.85 -33.16
N THR C 49 -23.38 -5.83 -34.43
CA THR C 49 -22.02 -6.20 -34.83
C THR C 49 -21.27 -4.90 -35.22
N GLY C 50 -20.03 -5.02 -35.70
CA GLY C 50 -19.23 -3.87 -36.13
C GLY C 50 -18.23 -3.32 -35.14
N PHE C 51 -17.97 -4.05 -34.03
CA PHE C 51 -17.02 -3.66 -32.99
C PHE C 51 -15.64 -4.25 -33.23
N THR C 52 -14.60 -3.60 -32.67
CA THR C 52 -13.22 -4.04 -32.75
C THR C 52 -12.87 -4.80 -31.46
N PRO C 53 -12.56 -6.11 -31.52
CA PRO C 53 -12.26 -6.84 -30.28
C PRO C 53 -10.83 -6.61 -29.75
N VAL C 54 -10.68 -6.70 -28.43
CA VAL C 54 -9.39 -6.59 -27.76
C VAL C 54 -9.30 -7.60 -26.63
N LYS C 55 -8.11 -8.19 -26.49
CA LYS C 55 -7.79 -9.18 -25.47
C LYS C 55 -6.77 -8.58 -24.50
N ILE C 56 -7.13 -8.51 -23.21
CA ILE C 56 -6.24 -8.02 -22.17
C ILE C 56 -5.85 -9.27 -21.37
N SER C 57 -4.69 -9.89 -21.67
CA SER C 57 -4.24 -11.08 -20.97
C SER C 57 -3.29 -10.69 -19.86
N LEU C 58 -3.73 -10.89 -18.59
CA LEU C 58 -2.92 -10.52 -17.43
C LEU C 58 -2.00 -11.63 -16.99
N ASP C 59 -0.81 -11.27 -16.49
CA ASP C 59 0.16 -12.24 -15.96
C ASP C 59 -0.25 -12.55 -14.52
N PHE C 60 -1.39 -13.26 -14.37
CA PHE C 60 -1.94 -13.64 -13.07
C PHE C 60 -1.02 -14.68 -12.36
N PRO C 61 -0.76 -14.57 -11.04
CA PRO C 61 -1.28 -13.58 -10.07
C PRO C 61 -0.37 -12.38 -9.78
N SER C 62 0.84 -12.32 -10.39
CA SER C 62 1.77 -11.22 -10.13
C SER C 62 1.24 -9.89 -10.67
N GLU C 63 0.46 -9.93 -11.77
CA GLU C 63 -0.16 -8.75 -12.38
C GLU C 63 -1.66 -8.68 -12.06
N TYR C 64 -2.11 -7.54 -11.53
CA TYR C 64 -3.51 -7.33 -11.15
C TYR C 64 -3.93 -5.88 -11.38
N ILE C 65 -5.23 -5.66 -11.59
CA ILE C 65 -5.78 -4.32 -11.83
C ILE C 65 -5.71 -3.45 -10.58
N MET C 66 -5.17 -2.23 -10.74
CA MET C 66 -5.07 -1.23 -9.67
C MET C 66 -6.02 -0.04 -9.90
N GLU C 67 -6.50 0.14 -11.14
CA GLU C 67 -7.44 1.23 -11.43
C GLU C 67 -8.23 0.93 -12.69
N VAL C 68 -9.53 1.23 -12.65
CA VAL C 68 -10.42 1.15 -13.82
C VAL C 68 -10.92 2.57 -14.03
N SER C 69 -10.83 3.06 -15.26
CA SER C 69 -11.32 4.40 -15.55
C SER C 69 -12.01 4.41 -16.88
N GLY C 70 -12.69 5.49 -17.19
CA GLY C 70 -13.35 5.55 -18.48
C GLY C 70 -14.16 6.80 -18.63
N TYR C 71 -15.09 6.76 -19.57
CA TYR C 71 -16.02 7.85 -19.88
C TYR C 71 -17.43 7.32 -20.09
N THR C 72 -18.42 8.08 -19.62
CA THR C 72 -19.82 7.77 -19.88
C THR C 72 -20.36 8.94 -20.66
N GLY C 73 -21.34 8.68 -21.52
CA GLY C 73 -21.89 9.75 -22.33
C GLY C 73 -23.03 9.30 -23.19
N LYS C 74 -23.69 10.25 -23.85
CA LYS C 74 -24.83 9.96 -24.70
C LYS C 74 -24.44 9.43 -26.07
N VAL C 75 -25.02 8.27 -26.45
CA VAL C 75 -24.90 7.67 -27.78
C VAL C 75 -26.33 7.42 -28.27
N SER C 76 -26.77 8.14 -29.34
CA SER C 76 -28.12 8.04 -29.89
C SER C 76 -29.21 8.20 -28.81
N GLY C 77 -28.99 9.15 -27.90
CA GLY C 77 -29.91 9.45 -26.81
C GLY C 77 -29.82 8.57 -25.58
N TYR C 78 -28.88 7.62 -25.56
CA TYR C 78 -28.72 6.71 -24.42
C TYR C 78 -27.44 6.99 -23.67
N VAL C 79 -27.48 6.99 -22.32
CA VAL C 79 -26.25 7.14 -21.52
C VAL C 79 -25.58 5.76 -21.52
N VAL C 80 -24.33 5.68 -22.01
CA VAL C 80 -23.59 4.42 -22.09
C VAL C 80 -22.14 4.58 -21.64
N VAL C 81 -21.43 3.46 -21.46
CA VAL C 81 -20.01 3.50 -21.11
C VAL C 81 -19.30 3.63 -22.44
N ARG C 82 -18.72 4.80 -22.69
CA ARG C 82 -18.07 5.08 -23.97
C ARG C 82 -16.64 4.57 -24.14
N SER C 83 -15.87 4.57 -23.04
CA SER C 83 -14.51 4.08 -23.07
C SER C 83 -14.16 3.44 -21.76
N LEU C 84 -13.18 2.55 -21.81
CA LEU C 84 -12.62 1.90 -20.62
C LEU C 84 -11.09 1.86 -20.74
N THR C 85 -10.42 1.96 -19.59
CA THR C 85 -8.97 1.82 -19.43
C THR C 85 -8.78 0.94 -18.19
N PHE C 86 -7.87 -0.04 -18.28
CA PHE C 86 -7.52 -0.92 -17.15
C PHE C 86 -6.05 -0.73 -16.85
N LYS C 87 -5.74 -0.20 -15.67
CA LYS C 87 -4.36 0.00 -15.29
C LYS C 87 -3.96 -1.08 -14.30
N THR C 88 -2.87 -1.78 -14.58
CA THR C 88 -2.38 -2.79 -13.63
C THR C 88 -1.13 -2.27 -12.96
N ASN C 89 -0.54 -3.09 -12.06
CA ASN C 89 0.74 -2.76 -11.42
C ASN C 89 1.92 -2.84 -12.43
N LYS C 90 1.67 -3.39 -13.64
CA LYS C 90 2.69 -3.55 -14.67
C LYS C 90 2.50 -2.65 -15.89
N LYS C 91 1.24 -2.42 -16.32
CA LYS C 91 0.96 -1.68 -17.56
C LYS C 91 -0.44 -1.07 -17.60
N THR C 92 -0.65 -0.11 -18.52
CA THR C 92 -1.94 0.54 -18.78
C THR C 92 -2.49 -0.07 -20.09
N TYR C 93 -3.70 -0.63 -20.03
CA TYR C 93 -4.41 -1.20 -21.16
C TYR C 93 -5.52 -0.25 -21.53
N GLY C 94 -5.37 0.41 -22.67
CA GLY C 94 -6.36 1.38 -23.12
C GLY C 94 -5.83 2.79 -23.35
N PRO C 95 -6.72 3.78 -23.59
CA PRO C 95 -8.19 3.68 -23.61
C PRO C 95 -8.76 2.96 -24.81
N TYR C 96 -9.84 2.22 -24.59
CA TYR C 96 -10.57 1.53 -25.65
C TYR C 96 -11.91 2.22 -25.78
N GLY C 97 -12.27 2.62 -26.99
CA GLY C 97 -13.55 3.26 -27.23
C GLY C 97 -13.44 4.75 -27.48
N VAL C 98 -14.43 5.53 -27.00
CA VAL C 98 -14.50 6.99 -27.23
C VAL C 98 -14.30 7.73 -25.93
N THR C 99 -13.20 8.51 -25.82
CA THR C 99 -12.91 9.22 -24.56
C THR C 99 -13.60 10.59 -24.56
N SER C 100 -14.93 10.57 -24.67
CA SER C 100 -15.77 11.78 -24.68
C SER C 100 -16.91 11.60 -23.71
N GLY C 101 -17.27 12.69 -23.05
CA GLY C 101 -18.35 12.73 -22.07
C GLY C 101 -17.83 13.05 -20.69
N THR C 102 -18.30 12.31 -19.68
CA THR C 102 -17.93 12.52 -18.29
C THR C 102 -16.95 11.42 -17.85
N PRO C 103 -15.76 11.78 -17.32
CA PRO C 103 -14.84 10.73 -16.86
C PRO C 103 -15.28 10.16 -15.53
N PHE C 104 -14.82 8.95 -15.26
CA PHE C 104 -14.98 8.26 -13.98
C PHE C 104 -13.67 7.52 -13.76
N SER C 105 -13.31 7.32 -12.47
CA SER C 105 -12.05 6.70 -12.09
CA SER C 105 -12.10 6.59 -12.15
C SER C 105 -12.22 5.90 -10.80
N LEU C 106 -11.81 4.61 -10.80
CA LEU C 106 -11.83 3.81 -9.59
C LEU C 106 -10.41 3.29 -9.30
N PRO C 107 -9.62 4.08 -8.56
CA PRO C 107 -8.30 3.59 -8.15
C PRO C 107 -8.48 2.72 -6.90
N ILE C 108 -7.70 1.65 -6.81
CA ILE C 108 -7.78 0.73 -5.66
C ILE C 108 -6.48 0.83 -4.89
N GLU C 109 -6.58 1.31 -3.65
CA GLU C 109 -5.42 1.42 -2.80
C GLU C 109 -5.14 0.09 -2.10
N ASN C 110 -6.19 -0.62 -1.72
CA ASN C 110 -6.04 -1.94 -1.09
C ASN C 110 -7.24 -2.80 -1.49
N GLY C 111 -6.95 -3.99 -2.03
CA GLY C 111 -8.00 -4.89 -2.47
C GLY C 111 -7.90 -5.26 -3.93
N LEU C 112 -8.90 -6.00 -4.41
CA LEU C 112 -8.88 -6.52 -5.79
C LEU C 112 -10.24 -6.54 -6.38
N ILE C 113 -10.32 -6.38 -7.70
CA ILE C 113 -11.56 -6.55 -8.45
C ILE C 113 -11.71 -8.07 -8.64
N VAL C 114 -12.86 -8.59 -8.26
CA VAL C 114 -13.12 -10.04 -8.35
C VAL C 114 -14.37 -10.41 -9.14
N GLY C 115 -15.00 -9.43 -9.77
CA GLY C 115 -16.21 -9.73 -10.53
C GLY C 115 -16.79 -8.51 -11.19
N PHE C 116 -17.63 -8.72 -12.21
CA PHE C 116 -18.30 -7.64 -12.93
C PHE C 116 -19.76 -7.95 -13.10
N LYS C 117 -20.55 -6.88 -13.19
CA LYS C 117 -21.97 -6.98 -13.51
C LYS C 117 -22.34 -5.73 -14.27
N GLY C 118 -23.47 -5.76 -14.94
CA GLY C 118 -23.86 -4.59 -15.72
C GLY C 118 -25.02 -4.90 -16.61
N SER C 119 -25.08 -4.19 -17.74
CA SER C 119 -26.12 -4.37 -18.76
C SER C 119 -25.60 -3.91 -20.11
N ILE C 120 -25.91 -4.69 -21.16
CA ILE C 120 -25.50 -4.39 -22.54
C ILE C 120 -26.72 -4.48 -23.47
N GLY C 121 -26.94 -3.41 -24.23
CA GLY C 121 -27.95 -3.34 -25.29
C GLY C 121 -27.19 -3.30 -26.59
N TYR C 122 -27.26 -2.20 -27.34
CA TYR C 122 -26.39 -2.03 -28.51
C TYR C 122 -24.98 -1.80 -27.90
N TRP C 123 -24.92 -1.16 -26.73
CA TRP C 123 -23.67 -0.83 -26.05
C TRP C 123 -23.73 -1.18 -24.57
N LEU C 124 -22.56 -1.14 -23.90
CA LEU C 124 -22.49 -1.35 -22.47
C LEU C 124 -23.19 -0.14 -21.83
N ASP C 125 -24.37 -0.37 -21.23
CA ASP C 125 -25.18 0.68 -20.60
C ASP C 125 -24.59 1.15 -19.29
N TYR C 126 -24.24 0.19 -18.42
CA TYR C 126 -23.64 0.47 -17.12
C TYR C 126 -22.91 -0.75 -16.62
N PHE C 127 -22.03 -0.56 -15.65
CA PHE C 127 -21.34 -1.67 -15.03
C PHE C 127 -20.95 -1.35 -13.59
N SER C 128 -20.77 -2.42 -12.81
CA SER C 128 -20.36 -2.37 -11.42
C SER C 128 -19.28 -3.42 -11.22
N MET C 129 -18.47 -3.26 -10.16
CA MET C 129 -17.40 -4.21 -9.87
C MET C 129 -17.46 -4.71 -8.45
N TYR C 130 -17.22 -6.01 -8.28
CA TYR C 130 -17.13 -6.61 -6.98
C TYR C 130 -15.70 -6.39 -6.49
N LEU C 131 -15.54 -6.00 -5.21
CA LEU C 131 -14.21 -5.78 -4.64
C LEU C 131 -14.03 -6.63 -3.41
N SER C 132 -12.84 -7.18 -3.26
CA SER C 132 -12.55 -8.02 -2.08
C SER C 132 -11.10 -7.87 -1.68
N LEU C 133 -10.76 -8.28 -0.46
CA LEU C 133 -9.37 -8.39 -0.02
C LEU C 133 -8.81 -9.72 -0.58
N SER D 4 -28.77 -15.01 5.19
CA SER D 4 -28.96 -16.07 4.21
C SER D 4 -27.66 -16.87 4.02
N GLY D 5 -27.75 -17.96 3.24
CA GLY D 5 -26.61 -18.79 2.92
C GLY D 5 -25.77 -18.26 1.77
N ILE D 6 -25.99 -17.00 1.33
CA ILE D 6 -25.24 -16.45 0.21
C ILE D 6 -24.14 -15.49 0.68
N SER D 7 -22.87 -15.79 0.34
CA SER D 7 -21.73 -14.94 0.69
C SER D 7 -21.88 -13.56 0.03
N GLN D 8 -21.56 -12.50 0.78
CA GLN D 8 -21.67 -11.11 0.29
C GLN D 8 -20.31 -10.52 -0.02
N THR D 9 -20.27 -9.54 -0.93
CA THR D 9 -19.04 -8.87 -1.30
C THR D 9 -19.35 -7.40 -1.51
N VAL D 10 -18.37 -6.53 -1.23
CA VAL D 10 -18.49 -5.08 -1.54
C VAL D 10 -18.71 -4.98 -3.08
N ILE D 11 -19.61 -4.09 -3.52
CA ILE D 11 -19.82 -3.82 -4.94
C ILE D 11 -19.83 -2.32 -5.09
N VAL D 12 -18.99 -1.82 -6.03
CA VAL D 12 -18.93 -0.40 -6.37
C VAL D 12 -19.53 -0.20 -7.75
N GLY D 13 -20.20 0.92 -7.92
CA GLY D 13 -20.92 1.22 -9.14
C GLY D 13 -22.41 1.40 -8.83
N PRO D 14 -23.23 1.55 -9.87
CA PRO D 14 -22.86 1.45 -11.28
C PRO D 14 -22.37 2.75 -11.89
N TRP D 15 -21.54 2.65 -12.93
CA TRP D 15 -21.15 3.79 -13.73
C TRP D 15 -21.84 3.59 -15.09
N GLY D 16 -22.44 4.65 -15.63
CA GLY D 16 -23.17 4.61 -16.91
C GLY D 16 -24.61 5.03 -16.71
N ALA D 17 -25.54 4.39 -17.45
CA ALA D 17 -26.99 4.66 -17.40
C ALA D 17 -27.66 4.25 -16.06
N GLN D 18 -28.96 4.62 -15.92
CA GLN D 18 -29.86 4.33 -14.79
C GLN D 18 -29.50 5.14 -13.54
N GLY E 1 -26.14 -15.02 33.83
CA GLY E 1 -25.11 -13.99 33.90
C GLY E 1 -25.42 -12.73 33.11
N LYS E 2 -24.52 -11.71 33.16
CA LYS E 2 -24.70 -10.46 32.40
C LYS E 2 -23.97 -10.60 31.07
N ALA E 3 -24.71 -10.45 29.96
CA ALA E 3 -24.07 -10.52 28.63
C ALA E 3 -23.24 -9.26 28.38
N PHE E 4 -22.19 -9.40 27.59
CA PHE E 4 -21.36 -8.25 27.17
C PHE E 4 -21.01 -8.40 25.70
N ASP E 5 -20.67 -7.29 25.07
CA ASP E 5 -20.29 -7.37 23.66
C ASP E 5 -19.40 -6.20 23.39
N ASP E 6 -18.09 -6.45 23.28
CA ASP E 6 -17.14 -5.34 23.03
C ASP E 6 -17.25 -4.79 21.61
N GLY E 7 -17.70 -5.59 20.64
CA GLY E 7 -17.73 -5.18 19.25
C GLY E 7 -16.40 -5.51 18.59
N VAL E 8 -16.13 -4.88 17.43
CA VAL E 8 -14.98 -5.13 16.55
C VAL E 8 -13.99 -3.97 16.58
N PHE E 9 -12.69 -4.31 16.55
CA PHE E 9 -11.58 -3.34 16.57
C PHE E 9 -10.55 -3.72 15.49
N THR E 10 -9.35 -3.14 15.56
CA THR E 10 -8.28 -3.34 14.56
C THR E 10 -7.29 -4.44 14.96
N GLY E 11 -7.32 -4.87 16.20
CA GLY E 11 -6.39 -5.87 16.71
C GLY E 11 -6.45 -5.95 18.23
N ILE E 12 -5.51 -6.71 18.81
CA ILE E 12 -5.46 -6.95 20.27
C ILE E 12 -4.08 -6.57 20.80
N ARG E 13 -4.05 -5.78 21.89
CA ARG E 13 -2.79 -5.39 22.54
C ARG E 13 -2.57 -6.18 23.85
N GLU E 14 -3.64 -6.38 24.64
CA GLU E 14 -3.52 -7.04 25.94
C GLU E 14 -4.82 -7.71 26.34
N ILE E 15 -4.73 -8.84 27.05
CA ILE E 15 -5.87 -9.53 27.65
C ILE E 15 -5.61 -9.60 29.14
N ASN E 16 -6.56 -9.11 29.95
CA ASN E 16 -6.51 -9.13 31.40
C ASN E 16 -7.65 -10.00 31.87
N LEU E 17 -7.34 -11.15 32.43
CA LEU E 17 -8.38 -12.05 32.92
C LEU E 17 -8.07 -12.53 34.34
N SER E 18 -9.04 -13.17 34.98
CA SER E 18 -8.79 -13.74 36.29
C SER E 18 -9.33 -15.15 36.31
N TYR E 19 -8.75 -16.00 37.14
CA TYR E 19 -9.18 -17.40 37.17
C TYR E 19 -9.02 -17.93 38.57
N ASN E 20 -9.62 -19.08 38.81
CA ASN E 20 -9.51 -19.79 40.07
C ASN E 20 -9.16 -21.24 39.71
N LYS E 21 -8.05 -21.76 40.27
CA LYS E 21 -7.53 -23.10 40.00
C LYS E 21 -8.45 -24.25 40.45
N GLU E 22 -9.60 -23.92 41.10
CA GLU E 22 -10.58 -24.90 41.55
C GLU E 22 -11.93 -24.77 40.84
N THR E 23 -12.24 -23.59 40.26
CA THR E 23 -13.53 -23.36 39.63
C THR E 23 -13.44 -23.09 38.12
N ALA E 24 -13.29 -21.79 37.75
CA ALA E 24 -13.30 -21.38 36.36
C ALA E 24 -12.78 -19.95 36.15
N ILE E 25 -12.93 -19.46 34.91
CA ILE E 25 -12.53 -18.10 34.55
C ILE E 25 -13.51 -17.13 35.21
N GLY E 26 -12.99 -16.01 35.73
CA GLY E 26 -13.79 -14.97 36.38
C GLY E 26 -13.90 -13.74 35.49
N ASP E 27 -13.09 -12.72 35.77
CA ASP E 27 -13.09 -11.46 35.01
C ASP E 27 -12.46 -11.59 33.63
N PHE E 28 -12.90 -10.74 32.69
CA PHE E 28 -12.33 -10.76 31.34
C PHE E 28 -12.34 -9.34 30.79
N GLN E 29 -11.18 -8.91 30.28
CA GLN E 29 -11.04 -7.56 29.76
C GLN E 29 -9.99 -7.58 28.64
N VAL E 30 -10.17 -6.68 27.66
CA VAL E 30 -9.25 -6.62 26.53
C VAL E 30 -8.86 -5.19 26.24
N VAL E 31 -7.57 -4.97 26.01
CA VAL E 31 -7.08 -3.69 25.50
C VAL E 31 -6.91 -3.94 24.00
N TYR E 32 -7.77 -3.33 23.21
CA TYR E 32 -7.73 -3.52 21.77
C TYR E 32 -6.83 -2.54 21.10
N ASP E 33 -6.50 -2.79 19.81
CA ASP E 33 -5.87 -1.74 19.03
C ASP E 33 -7.05 -1.14 18.27
N LEU E 34 -7.03 0.18 18.12
CA LEU E 34 -8.01 0.88 17.32
C LEU E 34 -7.24 1.84 16.42
N ASN E 35 -6.98 1.41 15.18
CA ASN E 35 -6.29 2.26 14.20
C ASN E 35 -4.97 2.82 14.70
N GLY E 36 -4.15 1.96 15.30
CA GLY E 36 -2.82 2.33 15.77
C GLY E 36 -2.68 2.91 17.16
N SER E 37 -3.78 3.03 17.93
CA SER E 37 -3.78 3.51 19.31
C SER E 37 -4.48 2.51 20.23
N PRO E 38 -4.07 2.40 21.52
CA PRO E 38 -4.78 1.49 22.44
C PRO E 38 -6.23 1.93 22.67
N TYR E 39 -7.13 0.94 22.80
CA TYR E 39 -8.51 1.20 23.15
C TYR E 39 -8.81 0.28 24.32
N VAL E 40 -9.00 0.85 25.52
CA VAL E 40 -9.23 0.06 26.71
C VAL E 40 -10.67 -0.45 26.76
N GLY E 41 -10.83 -1.76 26.57
CA GLY E 41 -12.15 -2.38 26.64
C GLY E 41 -12.66 -2.36 28.07
N GLU E 42 -13.98 -2.47 28.24
CA GLU E 42 -14.58 -2.53 29.58
C GLU E 42 -14.13 -3.81 30.28
N ASN E 43 -13.90 -3.74 31.59
CA ASN E 43 -13.55 -4.93 32.35
C ASN E 43 -14.87 -5.62 32.74
N HIS E 44 -15.08 -6.82 32.18
CA HIS E 44 -16.31 -7.62 32.41
C HIS E 44 -16.04 -8.45 33.65
N LYS E 45 -16.76 -8.15 34.74
CA LYS E 45 -16.42 -8.71 36.04
C LYS E 45 -17.36 -9.75 36.60
N SER E 46 -16.77 -10.74 37.31
CA SER E 46 -17.53 -11.73 38.01
C SER E 46 -18.30 -11.04 39.15
N PHE E 47 -19.43 -11.60 39.54
CA PHE E 47 -20.21 -11.12 40.69
C PHE E 47 -19.63 -11.64 42.03
N ILE E 48 -18.57 -12.46 41.99
CA ILE E 48 -17.89 -12.97 43.21
C ILE E 48 -16.40 -12.64 43.15
N THR E 49 -15.71 -12.77 44.29
CA THR E 49 -14.26 -12.48 44.34
C THR E 49 -13.47 -13.78 44.55
N GLY E 50 -12.17 -13.66 44.81
CA GLY E 50 -11.29 -14.79 45.07
C GLY E 50 -10.53 -15.30 43.87
N PHE E 51 -10.51 -14.52 42.76
CA PHE E 51 -9.80 -14.96 41.54
C PHE E 51 -8.38 -14.44 41.54
N THR E 52 -7.53 -15.05 40.70
CA THR E 52 -6.13 -14.66 40.52
C THR E 52 -6.04 -13.93 39.19
N PRO E 53 -5.55 -12.68 39.17
CA PRO E 53 -5.43 -11.96 37.88
C PRO E 53 -4.17 -12.33 37.10
N VAL E 54 -4.30 -12.31 35.75
CA VAL E 54 -3.18 -12.49 34.80
C VAL E 54 -3.27 -11.38 33.80
N LYS E 55 -2.10 -10.89 33.38
CA LYS E 55 -2.01 -9.91 32.32
C LYS E 55 -1.26 -10.59 31.17
N ILE E 56 -1.90 -10.65 29.99
CA ILE E 56 -1.31 -11.22 28.77
C ILE E 56 -1.00 -10.01 27.89
N SER E 57 0.25 -9.55 27.94
CA SER E 57 0.66 -8.35 27.20
C SER E 57 1.31 -8.78 25.89
N LEU E 58 0.60 -8.57 24.79
CA LEU E 58 1.11 -8.97 23.48
C LEU E 58 2.04 -7.93 22.90
N ASP E 59 3.05 -8.38 22.16
CA ASP E 59 3.98 -7.45 21.50
C ASP E 59 3.32 -7.02 20.16
N PHE E 60 2.25 -6.22 20.27
CA PHE E 60 1.48 -5.74 19.12
C PHE E 60 2.31 -4.74 18.28
N PRO E 61 2.27 -4.78 16.92
CA PRO E 61 1.51 -5.69 16.05
C PRO E 61 2.24 -6.93 15.55
N SER E 62 3.51 -7.15 15.96
CA SER E 62 4.25 -8.31 15.45
C SER E 62 3.75 -9.63 16.07
N GLU E 63 3.20 -9.59 17.29
CA GLU E 63 2.66 -10.77 17.96
C GLU E 63 1.13 -10.73 17.92
N TYR E 64 0.50 -11.86 17.54
CA TYR E 64 -0.95 -11.95 17.49
C TYR E 64 -1.38 -13.37 17.76
N ILE E 65 -2.61 -13.53 18.27
CA ILE E 65 -3.14 -14.84 18.62
C ILE E 65 -3.37 -15.69 17.39
N MET E 66 -2.92 -16.96 17.45
CA MET E 66 -3.13 -17.90 16.35
C MET E 66 -4.04 -19.05 16.77
N GLU E 67 -4.24 -19.25 18.07
CA GLU E 67 -5.16 -20.30 18.55
C GLU E 67 -5.65 -19.95 19.94
N VAL E 68 -6.96 -20.14 20.16
CA VAL E 68 -7.59 -19.98 21.47
C VAL E 68 -8.15 -21.36 21.79
N SER E 69 -7.80 -21.91 22.95
CA SER E 69 -8.33 -23.20 23.34
C SER E 69 -8.77 -23.16 24.80
N GLY E 70 -9.46 -24.17 25.23
CA GLY E 70 -9.91 -24.19 26.61
C GLY E 70 -10.77 -25.39 26.92
N TYR E 71 -11.48 -25.30 28.01
CA TYR E 71 -12.39 -26.34 28.51
C TYR E 71 -13.65 -25.71 29.00
N THR E 72 -14.76 -26.40 28.78
CA THR E 72 -16.06 -25.99 29.33
C THR E 72 -16.53 -27.12 30.22
N GLY E 73 -17.23 -26.80 31.28
CA GLY E 73 -17.72 -27.82 32.19
C GLY E 73 -18.60 -27.24 33.26
N LYS E 74 -19.22 -28.13 34.03
CA LYS E 74 -20.15 -27.75 35.10
C LYS E 74 -19.44 -27.34 36.38
N VAL E 75 -19.84 -26.17 36.93
CA VAL E 75 -19.38 -25.62 38.21
C VAL E 75 -20.64 -25.18 38.94
N SER E 76 -20.94 -25.83 40.08
CA SER E 76 -22.12 -25.54 40.90
C SER E 76 -23.45 -25.59 40.09
N GLY E 77 -23.52 -26.51 39.13
CA GLY E 77 -24.70 -26.73 38.29
C GLY E 77 -24.78 -25.91 37.00
N TYR E 78 -23.78 -25.05 36.75
CA TYR E 78 -23.74 -24.19 35.58
C TYR E 78 -22.64 -24.61 34.61
N VAL E 79 -22.94 -24.61 33.31
CA VAL E 79 -21.92 -24.86 32.29
C VAL E 79 -21.16 -23.54 32.11
N VAL E 80 -19.86 -23.55 32.35
CA VAL E 80 -19.04 -22.33 32.25
C VAL E 80 -17.72 -22.63 31.53
N VAL E 81 -16.96 -21.58 31.24
CA VAL E 81 -15.65 -21.68 30.62
C VAL E 81 -14.65 -21.90 31.77
N ARG E 82 -14.17 -23.13 31.92
CA ARG E 82 -13.31 -23.49 33.05
C ARG E 82 -11.84 -23.11 32.88
N SER E 83 -11.38 -23.09 31.64
CA SER E 83 -9.98 -22.82 31.34
C SER E 83 -9.83 -22.16 30.00
N LEU E 84 -8.76 -21.36 29.86
CA LEU E 84 -8.42 -20.73 28.59
C LEU E 84 -6.93 -20.75 28.37
N THR E 85 -6.52 -20.93 27.11
CA THR E 85 -5.13 -20.85 26.69
C THR E 85 -5.09 -20.01 25.41
N PHE E 86 -4.15 -19.08 25.32
CA PHE E 86 -3.95 -18.25 24.14
C PHE E 86 -2.58 -18.54 23.55
N LYS E 87 -2.55 -19.05 22.32
CA LYS E 87 -1.28 -19.33 21.65
C LYS E 87 -1.06 -18.26 20.59
N THR E 88 0.08 -17.57 20.65
CA THR E 88 0.38 -16.57 19.64
C THR E 88 1.44 -17.11 18.71
N ASN E 89 1.90 -16.29 17.75
CA ASN E 89 3.01 -16.69 16.88
C ASN E 89 4.36 -16.62 17.63
N LYS E 90 4.36 -16.15 18.92
CA LYS E 90 5.58 -15.98 19.71
C LYS E 90 5.66 -16.88 20.91
N LYS E 91 4.52 -17.11 21.62
CA LYS E 91 4.50 -17.96 22.81
C LYS E 91 3.10 -18.42 23.19
N THR E 92 3.01 -19.28 24.22
CA THR E 92 1.73 -19.78 24.71
C THR E 92 1.46 -19.16 26.08
N TYR E 93 0.25 -18.65 26.27
CA TYR E 93 -0.21 -18.05 27.51
C TYR E 93 -1.25 -18.98 28.10
N GLY E 94 -0.91 -19.61 29.21
CA GLY E 94 -1.83 -20.53 29.87
C GLY E 94 -1.40 -21.98 29.82
N PRO E 95 -2.30 -22.94 30.18
CA PRO E 95 -3.72 -22.78 30.57
C PRO E 95 -3.93 -22.05 31.89
N TYR E 96 -5.01 -21.29 31.93
CA TYR E 96 -5.46 -20.56 33.15
C TYR E 96 -6.78 -21.17 33.55
N GLY E 97 -6.89 -21.56 34.81
CA GLY E 97 -8.13 -22.17 35.29
C GLY E 97 -8.01 -23.66 35.55
N VAL E 98 -9.08 -24.41 35.24
CA VAL E 98 -9.16 -25.86 35.48
C VAL E 98 -9.30 -26.55 34.12
N THR E 99 -8.31 -27.40 33.77
CA THR E 99 -8.35 -28.14 32.49
C THR E 99 -9.17 -29.41 32.63
N SER E 100 -10.47 -29.25 32.88
CA SER E 100 -11.40 -30.37 33.06
C SER E 100 -12.72 -30.08 32.39
N GLY E 101 -13.33 -31.13 31.85
CA GLY E 101 -14.60 -31.04 31.16
C GLY E 101 -14.45 -31.35 29.68
N THR E 102 -15.09 -30.54 28.84
CA THR E 102 -15.06 -30.73 27.39
C THR E 102 -14.06 -29.74 26.76
N PRO E 103 -13.05 -30.20 26.00
CA PRO E 103 -12.15 -29.23 25.37
C PRO E 103 -12.77 -28.57 24.13
N PHE E 104 -12.25 -27.38 23.78
CA PHE E 104 -12.57 -26.68 22.54
C PHE E 104 -11.27 -26.05 22.04
N SER E 105 -11.18 -25.80 20.73
CA SER E 105 -9.97 -25.20 20.15
C SER E 105 -10.36 -24.45 18.89
N LEU E 106 -9.87 -23.21 18.77
CA LEU E 106 -10.06 -22.40 17.57
C LEU E 106 -8.67 -22.00 17.01
N PRO E 107 -8.07 -22.84 16.14
CA PRO E 107 -6.83 -22.43 15.45
C PRO E 107 -7.22 -21.53 14.26
N ILE E 108 -6.37 -20.55 13.95
CA ILE E 108 -6.63 -19.67 12.82
C ILE E 108 -5.50 -19.82 11.79
N GLU E 109 -5.85 -20.26 10.55
CA GLU E 109 -4.85 -20.38 9.49
C GLU E 109 -4.63 -19.02 8.85
N ASN E 110 -5.73 -18.24 8.69
CA ASN E 110 -5.64 -16.93 8.06
C ASN E 110 -6.67 -16.03 8.69
N GLY E 111 -6.23 -14.85 9.14
CA GLY E 111 -7.15 -13.92 9.81
C GLY E 111 -6.72 -13.57 11.22
N LEU E 112 -7.54 -12.73 11.88
CA LEU E 112 -7.21 -12.25 13.21
C LEU E 112 -8.43 -12.15 14.07
N ILE E 113 -8.24 -12.30 15.37
CA ILE E 113 -9.28 -12.01 16.37
C ILE E 113 -9.31 -10.50 16.55
N VAL E 114 -10.50 -9.90 16.43
CA VAL E 114 -10.60 -8.43 16.55
C VAL E 114 -11.65 -7.98 17.57
N GLY E 115 -12.22 -8.92 18.33
CA GLY E 115 -13.24 -8.57 19.32
C GLY E 115 -13.74 -9.78 20.08
N PHE E 116 -14.33 -9.53 21.25
CA PHE E 116 -14.91 -10.55 22.09
C PHE E 116 -16.30 -10.16 22.55
N LYS E 117 -17.13 -11.16 22.75
CA LYS E 117 -18.45 -10.98 23.36
C LYS E 117 -18.71 -12.23 24.21
N GLY E 118 -19.67 -12.15 25.12
CA GLY E 118 -19.96 -13.31 25.96
C GLY E 118 -20.87 -12.97 27.10
N SER E 119 -20.70 -13.71 28.21
CA SER E 119 -21.53 -13.47 29.40
C SER E 119 -20.77 -13.93 30.63
N ILE E 120 -20.91 -13.19 31.76
CA ILE E 120 -20.25 -13.55 33.01
C ILE E 120 -21.25 -13.42 34.16
N GLY E 121 -21.31 -14.44 35.02
CA GLY E 121 -22.13 -14.43 36.23
C GLY E 121 -21.17 -14.56 37.38
N TYR E 122 -21.14 -15.72 38.03
CA TYR E 122 -20.09 -16.02 39.01
C TYR E 122 -18.83 -16.34 38.18
N TRP E 123 -19.01 -16.97 37.00
CA TRP E 123 -17.90 -17.30 36.11
C TRP E 123 -18.21 -16.93 34.66
N LEU E 124 -17.20 -17.00 33.79
CA LEU E 124 -17.38 -16.74 32.36
C LEU E 124 -18.31 -17.85 31.83
N ASP E 125 -19.57 -17.51 31.52
CA ASP E 125 -20.58 -18.50 31.07
C ASP E 125 -20.27 -18.99 29.67
N TYR E 126 -19.99 -18.05 28.77
CA TYR E 126 -19.69 -18.35 27.36
C TYR E 126 -19.01 -17.19 26.71
N PHE E 127 -18.38 -17.43 25.57
CA PHE E 127 -17.79 -16.34 24.83
C PHE E 127 -17.77 -16.65 23.35
N SER E 128 -17.69 -15.59 22.54
CA SER E 128 -17.56 -15.68 21.08
C SER E 128 -16.47 -14.70 20.64
N MET E 129 -15.95 -14.88 19.42
CA MET E 129 -14.90 -14.00 18.92
C MET E 129 -15.22 -13.46 17.54
N TYR E 130 -14.92 -12.18 17.33
CA TYR E 130 -15.04 -11.56 16.01
C TYR E 130 -13.74 -11.88 15.27
N LEU E 131 -13.84 -12.31 13.99
CA LEU E 131 -12.69 -12.60 13.15
C LEU E 131 -12.69 -11.71 11.92
N SER E 132 -11.50 -11.24 11.50
CA SER E 132 -11.38 -10.40 10.29
C SER E 132 -10.05 -10.66 9.62
N LEU E 133 -9.92 -10.25 8.35
CA LEU E 133 -8.62 -10.30 7.67
C LEU E 133 -7.76 -9.08 8.10
N GLN F 3 -30.36 -3.31 3.47
CA GLN F 3 -29.04 -3.07 4.07
C GLN F 3 -29.09 -1.89 5.06
N SER F 4 -28.29 -1.97 6.13
CA SER F 4 -28.17 -0.87 7.08
C SER F 4 -26.73 -0.33 7.12
N GLY F 5 -26.55 0.74 7.88
CA GLY F 5 -25.30 1.46 8.03
C GLY F 5 -24.33 0.90 9.03
N ILE F 6 -24.57 -0.32 9.53
CA ILE F 6 -23.67 -0.96 10.51
C ILE F 6 -22.79 -2.01 9.86
N SER F 7 -21.46 -1.82 9.95
CA SER F 7 -20.49 -2.76 9.42
C SER F 7 -20.63 -4.11 10.14
N GLN F 8 -20.54 -5.22 9.39
N GLN F 8 -20.53 -5.22 9.38
CA GLN F 8 -20.66 -6.59 9.88
CA GLN F 8 -20.66 -6.59 9.88
C GLN F 8 -19.29 -7.27 9.94
C GLN F 8 -19.30 -7.29 9.93
N THR F 9 -19.15 -8.30 10.80
CA THR F 9 -17.91 -9.05 10.94
C THR F 9 -18.27 -10.51 11.20
N VAL F 10 -17.43 -11.44 10.74
CA VAL F 10 -17.59 -12.86 11.07
C VAL F 10 -17.48 -13.01 12.58
N ILE F 11 -18.37 -13.83 13.20
CA ILE F 11 -18.30 -14.14 14.63
C ILE F 11 -18.41 -15.62 14.79
N VAL F 12 -17.45 -16.21 15.52
CA VAL F 12 -17.43 -17.64 15.82
C VAL F 12 -17.69 -17.83 17.32
N GLY F 13 -18.42 -18.88 17.66
CA GLY F 13 -18.86 -19.11 19.02
C GLY F 13 -20.38 -19.18 19.07
N PRO F 14 -20.99 -19.29 20.24
CA PRO F 14 -20.32 -19.27 21.56
C PRO F 14 -19.80 -20.62 22.02
N TRP F 15 -18.74 -20.58 22.85
CA TRP F 15 -18.25 -21.77 23.57
C TRP F 15 -18.62 -21.54 25.02
N GLY F 16 -19.21 -22.55 25.65
CA GLY F 16 -19.69 -22.49 27.03
C GLY F 16 -21.16 -22.85 27.13
N ALA F 17 -21.90 -22.23 28.05
CA ALA F 17 -23.34 -22.47 28.23
C ALA F 17 -24.15 -22.10 26.99
N GLN F 18 -25.29 -22.80 26.79
CA GLN F 18 -26.27 -22.67 25.69
C GLN F 18 -25.75 -23.32 24.41
N GLY G 1 1.25 18.97 1.97
CA GLY G 1 0.26 18.97 3.04
C GLY G 1 0.52 17.93 4.12
N LYS G 2 -0.30 17.97 5.18
CA LYS G 2 -0.18 17.07 6.33
C LYS G 2 -1.07 15.88 6.10
N ALA G 3 -0.46 14.68 5.97
CA ALA G 3 -1.20 13.44 5.75
C ALA G 3 -1.99 13.07 6.99
N PHE G 4 -3.17 12.46 6.79
CA PHE G 4 -4.01 11.98 7.87
C PHE G 4 -4.55 10.60 7.50
N ASP G 5 -4.84 9.81 8.52
CA ASP G 5 -5.43 8.49 8.31
C ASP G 5 -6.27 8.15 9.54
N ASP G 6 -7.59 8.27 9.43
CA ASP G 6 -8.48 7.97 10.55
C ASP G 6 -8.57 6.48 10.81
N GLY G 7 -8.37 5.68 9.78
CA GLY G 7 -8.53 4.24 9.90
C GLY G 7 -9.98 3.83 9.71
N VAL G 8 -10.33 2.61 10.15
CA VAL G 8 -11.64 1.96 9.98
C VAL G 8 -12.49 1.96 11.24
N PHE G 9 -13.82 2.15 11.06
CA PHE G 9 -14.81 2.16 12.14
C PHE G 9 -16.04 1.30 11.74
N THR G 10 -17.17 1.43 12.46
CA THR G 10 -18.37 0.60 12.21
C THR G 10 -19.34 1.30 11.25
N GLY G 11 -19.18 2.61 11.10
CA GLY G 11 -20.07 3.40 10.28
C GLY G 11 -19.79 4.88 10.43
N ILE G 12 -20.66 5.73 9.86
CA ILE G 12 -20.50 7.19 9.87
C ILE G 12 -21.73 7.84 10.49
N ARG G 13 -21.52 8.74 11.46
CA ARG G 13 -22.61 9.49 12.12
C ARG G 13 -22.69 10.93 11.62
N GLU G 14 -21.53 11.57 11.37
CA GLU G 14 -21.51 12.98 10.94
C GLU G 14 -20.23 13.30 10.21
N ILE G 15 -20.32 14.21 9.24
CA ILE G 15 -19.16 14.74 8.53
C ILE G 15 -19.19 16.25 8.71
N ASN G 16 -18.09 16.83 9.21
CA ASN G 16 -17.93 18.28 9.38
C ASN G 16 -16.82 18.71 8.46
N LEU G 17 -17.15 19.53 7.47
CA LEU G 17 -16.16 20.00 6.52
C LEU G 17 -16.30 21.51 6.33
N SER G 18 -15.33 22.12 5.68
CA SER G 18 -15.39 23.53 5.34
C SER G 18 -15.00 23.72 3.88
N TYR G 19 -15.49 24.79 3.26
CA TYR G 19 -15.21 25.05 1.86
C TYR G 19 -15.20 26.54 1.59
N ASN G 20 -14.59 26.92 0.49
CA ASN G 20 -14.55 28.30 0.05
C ASN G 20 -14.91 28.29 -1.43
N LYS G 21 -16.05 28.91 -1.77
CA LYS G 21 -16.63 29.03 -3.12
C LYS G 21 -15.72 29.63 -4.22
N GLU G 22 -14.47 30.04 -3.86
CA GLU G 22 -13.49 30.56 -4.81
C GLU G 22 -12.26 29.65 -4.92
N THR G 23 -12.10 28.70 -3.96
CA THR G 23 -10.94 27.83 -3.94
C THR G 23 -11.33 26.36 -3.87
N ALA G 24 -11.35 25.77 -2.66
CA ALA G 24 -11.58 24.34 -2.52
C ALA G 24 -12.02 23.95 -1.11
N ILE G 25 -12.05 22.64 -0.84
CA ILE G 25 -12.39 22.09 0.48
C ILE G 25 -11.22 22.39 1.39
N GLY G 26 -11.51 22.83 2.60
CA GLY G 26 -10.49 23.10 3.60
C GLY G 26 -10.48 21.99 4.64
N ASP G 27 -11.20 22.22 5.73
N ASP G 27 -11.15 22.23 5.78
CA ASP G 27 -11.34 21.31 6.87
CA ASP G 27 -11.22 21.29 6.90
C ASP G 27 -12.07 20.02 6.54
C ASP G 27 -12.06 20.05 6.59
N PHE G 28 -11.73 18.92 7.25
CA PHE G 28 -12.41 17.64 7.11
C PHE G 28 -12.34 16.89 8.45
N GLN G 29 -13.51 16.50 9.00
CA GLN G 29 -13.59 15.83 10.29
C GLN G 29 -14.78 14.91 10.25
N VAL G 30 -14.69 13.75 10.90
CA VAL G 30 -15.79 12.79 10.87
C VAL G 30 -16.09 12.28 12.26
N VAL G 31 -17.38 12.19 12.58
CA VAL G 31 -17.83 11.53 13.79
C VAL G 31 -18.25 10.15 13.27
N TYR G 32 -17.51 9.12 13.68
CA TYR G 32 -17.80 7.75 13.25
C TYR G 32 -18.70 7.06 14.25
N ASP G 33 -19.21 5.88 13.87
CA ASP G 33 -19.84 5.02 14.83
C ASP G 33 -18.76 4.01 15.18
N LEU G 34 -18.64 3.68 16.46
CA LEU G 34 -17.73 2.62 16.91
C LEU G 34 -18.51 1.69 17.78
N ASN G 35 -18.97 0.57 17.19
CA ASN G 35 -19.69 -0.45 17.97
C ASN G 35 -20.92 0.10 18.72
N GLY G 36 -21.64 0.98 18.04
CA GLY G 36 -22.89 1.53 18.60
C GLY G 36 -22.83 2.86 19.30
N SER G 37 -21.62 3.38 19.54
CA SER G 37 -21.46 4.69 20.19
C SER G 37 -20.63 5.63 19.32
N PRO G 38 -20.81 6.96 19.40
CA PRO G 38 -20.00 7.85 18.55
C PRO G 38 -18.52 7.82 18.90
N TYR G 39 -17.68 8.07 17.89
CA TYR G 39 -16.25 8.19 18.05
C TYR G 39 -15.88 9.43 17.26
N VAL G 40 -15.45 10.49 17.98
CA VAL G 40 -15.13 11.73 17.27
C VAL G 40 -13.72 11.71 16.69
N GLY G 41 -13.66 11.73 15.37
CA GLY G 41 -12.40 11.69 14.64
C GLY G 41 -11.65 12.98 14.83
N GLU G 42 -10.32 12.93 14.61
CA GLU G 42 -9.46 14.09 14.69
C GLU G 42 -9.90 15.11 13.63
N ASN G 43 -9.86 16.38 14.01
CA ASN G 43 -10.19 17.48 13.11
C ASN G 43 -8.97 17.73 12.22
N HIS G 44 -9.13 17.55 10.91
CA HIS G 44 -8.02 17.76 9.98
C HIS G 44 -8.18 19.12 9.38
N LYS G 45 -7.36 20.07 9.85
CA LYS G 45 -7.52 21.47 9.51
C LYS G 45 -6.60 22.00 8.44
N SER G 46 -7.15 22.95 7.68
CA SER G 46 -6.41 23.71 6.67
C SER G 46 -5.41 24.59 7.40
N PHE G 47 -4.31 24.94 6.72
CA PHE G 47 -3.29 25.84 7.27
C PHE G 47 -3.77 27.29 7.12
N ILE G 48 -4.75 27.51 6.22
CA ILE G 48 -5.34 28.81 5.89
C ILE G 48 -6.74 28.97 6.54
N THR G 49 -7.23 30.22 6.69
CA THR G 49 -8.55 30.52 7.26
C THR G 49 -9.49 31.02 6.15
N GLY G 50 -10.71 31.43 6.53
CA GLY G 50 -11.70 31.99 5.62
C GLY G 50 -12.63 31.01 4.95
N PHE G 51 -12.78 29.82 5.53
CA PHE G 51 -13.68 28.81 4.98
C PHE G 51 -15.08 28.89 5.60
N THR G 52 -16.09 28.33 4.90
CA THR G 52 -17.48 28.25 5.34
C THR G 52 -17.70 26.83 5.89
N PRO G 53 -18.12 26.68 7.17
CA PRO G 53 -18.34 25.32 7.71
C PRO G 53 -19.68 24.69 7.32
N VAL G 54 -19.72 23.35 7.26
CA VAL G 54 -20.96 22.62 7.02
C VAL G 54 -20.97 21.35 7.83
N LYS G 55 -22.14 21.03 8.40
CA LYS G 55 -22.32 19.83 9.20
C LYS G 55 -23.28 18.91 8.45
N ILE G 56 -22.84 17.67 8.19
CA ILE G 56 -23.64 16.67 7.51
C ILE G 56 -23.94 15.66 8.60
N SER G 57 -25.11 15.80 9.25
CA SER G 57 -25.50 14.91 10.34
C SER G 57 -26.37 13.81 9.79
N LEU G 58 -25.92 12.56 9.91
CA LEU G 58 -26.66 11.45 9.33
C LEU G 58 -27.54 10.72 10.33
N ASP G 59 -28.64 10.16 9.83
CA ASP G 59 -29.55 9.40 10.67
C ASP G 59 -29.02 7.95 10.79
N PHE G 60 -27.85 7.81 11.42
CA PHE G 60 -27.20 6.51 11.60
C PHE G 60 -28.07 5.58 12.47
N PRO G 61 -28.20 4.27 12.15
CA PRO G 61 -27.64 3.53 10.99
C PRO G 61 -28.55 3.45 9.78
N SER G 62 -29.85 3.78 9.91
CA SER G 62 -30.75 3.63 8.74
C SER G 62 -30.40 4.50 7.53
N GLU G 63 -29.70 5.63 7.78
CA GLU G 63 -29.23 6.50 6.71
C GLU G 63 -27.74 6.26 6.55
N TYR G 64 -27.32 5.96 5.32
CA TYR G 64 -25.89 5.73 5.03
C TYR G 64 -25.54 6.25 3.63
N ILE G 65 -24.28 6.61 3.45
CA ILE G 65 -23.80 7.15 2.17
C ILE G 65 -23.81 6.07 1.08
N MET G 66 -24.41 6.41 -0.08
CA MET G 66 -24.48 5.52 -1.24
C MET G 66 -23.64 6.04 -2.40
N GLU G 67 -23.21 7.31 -2.33
CA GLU G 67 -22.36 7.89 -3.37
C GLU G 67 -21.62 9.11 -2.86
N VAL G 68 -20.33 9.16 -3.17
CA VAL G 68 -19.47 10.31 -2.89
C VAL G 68 -19.03 10.77 -4.24
N SER G 69 -19.25 12.04 -4.56
CA SER G 69 -18.82 12.57 -5.84
C SER G 69 -18.21 13.94 -5.60
N GLY G 70 -17.57 14.49 -6.63
CA GLY G 70 -16.98 15.79 -6.51
C GLY G 70 -16.15 16.17 -7.70
N TYR G 71 -15.28 17.15 -7.50
CA TYR G 71 -14.40 17.69 -8.52
C TYR G 71 -13.02 17.89 -8.00
N THR G 72 -12.04 17.61 -8.84
CA THR G 72 -10.65 17.91 -8.54
C THR G 72 -10.18 18.92 -9.58
N GLY G 73 -9.35 19.83 -9.15
CA GLY G 73 -8.79 20.85 -10.05
C GLY G 73 -7.65 21.61 -9.42
N LYS G 74 -7.05 22.50 -10.22
CA LYS G 74 -5.91 23.31 -9.79
C LYS G 74 -6.33 24.59 -9.05
N VAL G 75 -5.67 24.84 -7.90
CA VAL G 75 -5.81 26.05 -7.08
C VAL G 75 -4.37 26.47 -6.69
N SER G 76 -3.91 27.65 -7.15
CA SER G 76 -2.54 28.16 -6.89
C SER G 76 -1.44 27.14 -7.26
N GLY G 77 -1.64 26.41 -8.36
CA GLY G 77 -0.70 25.41 -8.85
C GLY G 77 -0.70 24.07 -8.13
N TYR G 78 -1.71 23.83 -7.25
CA TYR G 78 -1.84 22.57 -6.51
C TYR G 78 -3.08 21.83 -6.99
N VAL G 79 -2.99 20.50 -7.19
CA VAL G 79 -4.16 19.70 -7.57
C VAL G 79 -4.86 19.39 -6.26
N VAL G 80 -6.11 19.86 -6.11
CA VAL G 80 -6.85 19.68 -4.85
C VAL G 80 -8.31 19.22 -5.10
N VAL G 81 -9.01 18.84 -4.02
CA VAL G 81 -10.42 18.45 -4.08
C VAL G 81 -11.19 19.78 -3.95
N ARG G 82 -11.82 20.24 -5.04
CA ARG G 82 -12.53 21.53 -5.07
C ARG G 82 -13.97 21.48 -4.60
N SER G 83 -14.62 20.31 -4.75
CA SER G 83 -16.02 20.12 -4.38
C SER G 83 -16.31 18.69 -3.95
N LEU G 84 -17.29 18.57 -3.07
CA LEU G 84 -17.77 17.27 -2.59
C LEU G 84 -19.27 17.27 -2.47
N THR G 85 -19.88 16.10 -2.77
CA THR G 85 -21.32 15.85 -2.64
C THR G 85 -21.44 14.48 -1.99
N PHE G 86 -22.33 14.37 -0.99
CA PHE G 86 -22.60 13.10 -0.34
C PHE G 86 -24.06 12.77 -0.55
N LYS G 87 -24.33 11.65 -1.20
CA LYS G 87 -25.68 11.19 -1.46
C LYS G 87 -25.93 9.98 -0.56
N THR G 88 -27.00 10.06 0.24
CA THR G 88 -27.40 8.92 1.07
C THR G 88 -28.66 8.31 0.49
N ASN G 89 -29.15 7.23 1.11
CA ASN G 89 -30.43 6.61 0.72
C ASN G 89 -31.63 7.51 1.09
N LYS G 90 -31.40 8.58 1.88
CA LYS G 90 -32.48 9.48 2.31
C LYS G 90 -32.39 10.92 1.80
N LYS G 91 -31.16 11.43 1.54
CA LYS G 91 -30.99 12.82 1.13
C LYS G 91 -29.70 13.02 0.35
N THR G 92 -29.57 14.19 -0.31
CA THR G 92 -28.34 14.60 -0.99
C THR G 92 -27.81 15.81 -0.22
N TYR G 93 -26.52 15.78 0.12
CA TYR G 93 -25.83 16.85 0.85
C TYR G 93 -24.77 17.40 -0.07
N GLY G 94 -24.97 18.64 -0.49
CA GLY G 94 -24.05 19.29 -1.40
C GLY G 94 -24.66 19.58 -2.76
N PRO G 95 -23.86 20.03 -3.75
CA PRO G 95 -22.38 20.19 -3.70
C PRO G 95 -21.90 21.33 -2.81
N TYR G 96 -20.77 21.06 -2.13
CA TYR G 96 -20.06 22.03 -1.30
C TYR G 96 -18.74 22.37 -2.00
N GLY G 97 -18.50 23.65 -2.25
CA GLY G 97 -17.28 24.08 -2.91
C GLY G 97 -17.50 24.55 -4.34
N VAL G 98 -16.50 24.36 -5.17
CA VAL G 98 -16.60 24.74 -6.57
C VAL G 98 -16.72 23.57 -7.50
N THR G 99 -17.79 23.53 -8.25
CA THR G 99 -18.00 22.48 -9.20
C THR G 99 -17.26 22.69 -10.53
N SER G 100 -15.96 22.74 -10.44
CA SER G 100 -15.14 22.93 -11.60
C SER G 100 -13.95 22.07 -11.56
N GLY G 101 -13.51 21.65 -12.72
CA GLY G 101 -12.38 20.76 -12.84
C GLY G 101 -12.82 19.43 -13.42
N THR G 102 -12.19 18.36 -12.95
CA THR G 102 -12.52 17.02 -13.41
C THR G 102 -13.36 16.25 -12.40
N PRO G 103 -14.54 15.78 -12.83
CA PRO G 103 -15.41 15.05 -11.88
C PRO G 103 -14.89 13.68 -11.53
N PHE G 104 -15.33 13.19 -10.36
CA PHE G 104 -15.10 11.84 -9.89
C PHE G 104 -16.38 11.43 -9.17
N SER G 105 -16.64 10.11 -9.17
N SER G 105 -16.64 10.13 -9.10
CA SER G 105 -17.84 9.53 -8.58
CA SER G 105 -17.83 9.64 -8.38
C SER G 105 -17.55 8.16 -7.97
C SER G 105 -17.62 8.21 -7.96
N LEU G 106 -17.98 7.93 -6.72
CA LEU G 106 -17.88 6.62 -6.10
C LEU G 106 -19.27 6.20 -5.63
N PRO G 107 -20.04 5.53 -6.51
CA PRO G 107 -21.32 4.97 -6.08
C PRO G 107 -21.04 3.62 -5.42
N ILE G 108 -21.84 3.28 -4.41
CA ILE G 108 -21.71 2.00 -3.72
C ILE G 108 -23.01 1.22 -3.89
N GLU G 109 -22.90 0.01 -4.44
CA GLU G 109 -24.06 -0.86 -4.63
C GLU G 109 -24.26 -1.77 -3.41
N ASN G 110 -23.14 -2.23 -2.79
CA ASN G 110 -23.21 -3.09 -1.61
C ASN G 110 -22.00 -2.78 -0.76
N GLY G 111 -22.22 -2.48 0.51
CA GLY G 111 -21.10 -2.13 1.38
C GLY G 111 -21.24 -0.73 1.94
N LEU G 112 -20.28 -0.35 2.77
CA LEU G 112 -20.34 0.92 3.47
C LEU G 112 -18.99 1.60 3.50
N ILE G 113 -18.99 2.93 3.53
CA ILE G 113 -17.79 3.69 3.82
C ILE G 113 -17.61 3.59 5.35
N VAL G 114 -16.41 3.19 5.79
CA VAL G 114 -16.11 3.06 7.22
C VAL G 114 -14.91 3.88 7.68
N GLY G 115 -14.34 4.71 6.81
CA GLY G 115 -13.17 5.50 7.21
C GLY G 115 -12.64 6.35 6.08
N PHE G 116 -11.83 7.34 6.43
CA PHE G 116 -11.24 8.25 5.47
C PHE G 116 -9.79 8.48 5.79
N LYS G 117 -8.99 8.73 4.75
CA LYS G 117 -7.59 9.12 4.88
C LYS G 117 -7.31 10.11 3.75
N GLY G 118 -6.20 10.84 3.85
CA GLY G 118 -5.84 11.78 2.80
C GLY G 118 -4.78 12.73 3.27
N SER G 119 -4.86 13.98 2.79
CA SER G 119 -3.89 15.01 3.14
C SER G 119 -4.50 16.39 2.95
N ILE G 120 -4.18 17.31 3.87
CA ILE G 120 -4.66 18.69 3.82
C ILE G 120 -3.48 19.64 4.05
N GLY G 121 -3.32 20.58 3.13
CA GLY G 121 -2.30 21.64 3.23
C GLY G 121 -3.09 22.90 3.47
N TYR G 122 -3.13 23.78 2.44
CA TYR G 122 -4.01 24.94 2.48
C TYR G 122 -5.42 24.40 2.16
N TRP G 123 -5.51 23.31 1.34
CA TRP G 123 -6.77 22.68 0.97
C TRP G 123 -6.68 21.15 1.03
N LEU G 124 -7.82 20.45 0.91
CA LEU G 124 -7.86 19.00 0.89
C LEU G 124 -7.15 18.56 -0.41
N ASP G 125 -5.93 18.00 -0.28
CA ASP G 125 -5.13 17.61 -1.44
C ASP G 125 -5.69 16.39 -2.16
N TYR G 126 -5.94 15.34 -1.37
CA TYR G 126 -6.48 14.07 -1.85
C TYR G 126 -7.14 13.35 -0.70
N PHE G 127 -7.91 12.31 -1.04
CA PHE G 127 -8.53 11.46 -0.03
C PHE G 127 -8.83 10.09 -0.57
N SER G 128 -8.93 9.14 0.36
CA SER G 128 -9.30 7.76 0.00
C SER G 128 -10.34 7.32 1.01
N MET G 129 -11.08 6.23 0.72
CA MET G 129 -12.12 5.73 1.62
C MET G 129 -11.99 4.26 1.90
N TYR G 130 -12.14 3.89 3.16
CA TYR G 130 -12.16 2.51 3.56
C TYR G 130 -13.60 2.00 3.31
N LEU G 131 -13.73 0.84 2.67
CA LEU G 131 -15.02 0.21 2.42
C LEU G 131 -15.10 -1.13 3.09
N SER G 132 -16.27 -1.44 3.66
CA SER G 132 -16.44 -2.74 4.29
C SER G 132 -17.89 -3.18 4.18
N LEU G 133 -18.14 -4.47 4.39
CA LEU G 133 -19.50 -4.96 4.54
C LEU G 133 -19.81 -4.73 6.04
N SER H 4 0.77 -8.88 9.74
CA SER H 4 0.89 -8.48 11.14
C SER H 4 -0.44 -8.71 11.89
N GLY H 5 -0.49 -8.23 13.13
CA GLY H 5 -1.70 -8.28 13.93
C GLY H 5 -2.64 -7.13 13.65
N ILE H 6 -2.45 -6.39 12.52
CA ILE H 6 -3.31 -5.26 12.14
C ILE H 6 -4.35 -5.69 11.10
N SER H 7 -5.65 -5.49 11.43
N SER H 7 -5.66 -5.54 11.44
CA SER H 7 -6.78 -5.80 10.56
CA SER H 7 -6.74 -5.90 10.52
C SER H 7 -6.72 -4.95 9.28
C SER H 7 -6.72 -4.98 9.28
N GLN H 8 -7.15 -5.51 8.15
CA GLN H 8 -7.14 -4.80 6.85
C GLN H 8 -8.54 -4.58 6.32
N THR H 9 -8.69 -3.62 5.42
CA THR H 9 -9.96 -3.32 4.81
C THR H 9 -9.70 -2.89 3.38
N VAL H 10 -10.70 -3.06 2.49
CA VAL H 10 -10.65 -2.51 1.12
C VAL H 10 -10.50 -0.97 1.24
N ILE H 11 -9.63 -0.37 0.40
CA ILE H 11 -9.43 1.08 0.31
C ILE H 11 -9.52 1.49 -1.14
N VAL H 12 -10.40 2.46 -1.44
CA VAL H 12 -10.53 3.00 -2.80
C VAL H 12 -10.06 4.44 -2.79
N GLY H 13 -9.40 4.82 -3.85
CA GLY H 13 -8.78 6.13 -3.98
C GLY H 13 -7.29 5.96 -4.18
N PRO H 14 -6.52 7.07 -4.15
CA PRO H 14 -6.97 8.43 -3.87
C PRO H 14 -7.55 9.22 -5.04
N TRP H 15 -8.39 10.21 -4.71
CA TRP H 15 -8.91 11.21 -5.66
C TRP H 15 -8.32 12.55 -5.23
N GLY H 16 -7.75 13.27 -6.18
CA GLY H 16 -7.11 14.56 -5.95
C GLY H 16 -5.68 14.56 -6.46
N ALA H 17 -4.75 15.23 -5.74
CA ALA H 17 -3.32 15.24 -6.14
C ALA H 17 -2.73 13.83 -6.15
N GLN H 18 -1.80 13.57 -7.11
CA GLN H 18 -1.07 12.32 -7.39
C GLN H 18 -1.88 11.35 -8.24
N GLY I 1 9.06 -29.90 13.01
CA GLY I 1 10.21 -30.24 12.17
C GLY I 1 11.40 -30.78 12.93
N LYS I 2 12.49 -31.13 12.20
CA LYS I 2 13.72 -31.66 12.78
C LYS I 2 14.66 -30.48 12.98
N ALA I 3 15.05 -30.21 14.24
CA ALA I 3 15.98 -29.15 14.58
C ALA I 3 17.37 -29.45 14.04
N PHE I 4 18.09 -28.40 13.62
CA PHE I 4 19.46 -28.51 13.18
C PHE I 4 20.26 -27.35 13.74
N ASP I 5 21.56 -27.59 13.91
CA ASP I 5 22.45 -26.57 14.42
C ASP I 5 23.84 -26.87 13.88
N ASP I 6 24.28 -26.13 12.87
CA ASP I 6 25.60 -26.37 12.26
C ASP I 6 26.74 -25.88 13.16
N GLY I 7 26.43 -24.91 14.02
CA GLY I 7 27.43 -24.28 14.87
C GLY I 7 28.21 -23.22 14.09
N VAL I 8 29.39 -22.87 14.60
CA VAL I 8 30.23 -21.78 14.06
C VAL I 8 31.42 -22.22 13.30
N PHE I 9 31.80 -21.42 12.26
CA PHE I 9 32.94 -21.70 11.40
C PHE I 9 33.73 -20.40 11.14
N THR I 10 34.61 -20.43 10.13
CA THR I 10 35.47 -19.28 9.81
C THR I 10 34.80 -18.32 8.79
N GLY I 11 33.83 -18.85 8.04
CA GLY I 11 33.17 -18.07 7.01
C GLY I 11 32.27 -18.94 6.16
N ILE I 12 31.78 -18.38 5.05
CA ILE I 12 30.83 -19.09 4.17
C ILE I 12 31.33 -19.17 2.75
N ARG I 13 31.31 -20.39 2.19
CA ARG I 13 31.75 -20.62 0.83
C ARG I 13 30.57 -20.82 -0.15
N GLU I 14 29.50 -21.51 0.28
CA GLU I 14 28.37 -21.79 -0.59
C GLU I 14 27.12 -22.06 0.21
N ILE I 15 25.96 -21.65 -0.32
CA ILE I 15 24.66 -21.98 0.28
C ILE I 15 23.85 -22.74 -0.78
N ASN I 16 23.31 -23.92 -0.40
CA ASN I 16 22.48 -24.77 -1.27
C ASN I 16 21.10 -24.87 -0.62
N LEU I 17 20.09 -24.28 -1.29
CA LEU I 17 18.74 -24.31 -0.76
C LEU I 17 17.74 -24.74 -1.84
N SER I 18 16.52 -25.06 -1.43
CA SER I 18 15.45 -25.37 -2.38
C SER I 18 14.21 -24.60 -1.98
N TYR I 19 13.36 -24.28 -2.95
CA TYR I 19 12.14 -23.50 -2.70
C TYR I 19 11.02 -23.95 -3.62
N ASN I 20 9.81 -23.51 -3.30
CA ASN I 20 8.63 -23.77 -4.12
C ASN I 20 7.83 -22.46 -4.14
N LYS I 21 7.62 -21.90 -5.35
CA LYS I 21 6.89 -20.65 -5.59
C LYS I 21 5.43 -20.64 -5.13
N GLU I 22 4.89 -21.79 -4.71
CA GLU I 22 3.53 -21.87 -4.18
C GLU I 22 3.52 -22.04 -2.64
N THR I 23 4.69 -22.39 -2.03
CA THR I 23 4.74 -22.64 -0.58
C THR I 23 5.86 -21.88 0.12
N ALA I 24 7.05 -22.51 0.30
CA ALA I 24 8.14 -21.90 1.06
C ALA I 24 9.48 -22.56 0.77
N ILE I 25 10.50 -22.22 1.58
CA ILE I 25 11.83 -22.81 1.46
C ILE I 25 11.75 -24.25 1.97
N GLY I 26 12.43 -25.14 1.28
CA GLY I 26 12.49 -26.55 1.67
C GLY I 26 13.82 -26.87 2.29
N ASP I 27 14.76 -27.32 1.45
CA ASP I 27 16.10 -27.72 1.86
C ASP I 27 17.03 -26.54 2.17
N PHE I 28 18.01 -26.78 3.04
CA PHE I 28 19.02 -25.80 3.41
C PHE I 28 20.33 -26.52 3.78
N GLN I 29 21.43 -26.12 3.14
CA GLN I 29 22.75 -26.73 3.36
C GLN I 29 23.81 -25.68 3.10
N VAL I 30 24.91 -25.71 3.86
CA VAL I 30 25.97 -24.71 3.73
C VAL I 30 27.33 -25.36 3.66
N VAL I 31 28.18 -24.86 2.73
CA VAL I 31 29.58 -25.24 2.68
C VAL I 31 30.28 -24.07 3.38
N TYR I 32 30.86 -24.34 4.54
CA TYR I 32 31.53 -23.31 5.29
C TYR I 32 33.00 -23.26 4.98
N ASP I 33 33.68 -22.21 5.46
CA ASP I 33 35.13 -22.23 5.42
C ASP I 33 35.51 -22.64 6.83
N LEU I 34 36.49 -23.51 6.94
CA LEU I 34 37.02 -23.86 8.26
C LEU I 34 38.53 -23.72 8.19
N ASN I 35 39.03 -22.60 8.74
CA ASN I 35 40.47 -22.32 8.79
C ASN I 35 41.16 -22.43 7.41
N GLY I 36 40.50 -21.93 6.37
CA GLY I 36 41.10 -21.90 5.04
C GLY I 36 40.72 -23.02 4.10
N SER I 37 40.04 -24.06 4.61
CA SER I 37 39.61 -25.18 3.78
C SER I 37 38.09 -25.35 3.85
N PRO I 38 37.44 -25.86 2.79
CA PRO I 38 35.98 -26.03 2.85
C PRO I 38 35.55 -27.05 3.89
N TYR I 39 34.37 -26.82 4.48
CA TYR I 39 33.75 -27.76 5.40
C TYR I 39 32.31 -27.91 4.94
N VAL I 40 31.95 -29.12 4.46
CA VAL I 40 30.62 -29.42 3.94
C VAL I 40 29.65 -29.69 5.09
N GLY I 41 28.76 -28.75 5.30
CA GLY I 41 27.73 -28.88 6.34
C GLY I 41 26.74 -29.95 5.97
N GLU I 42 26.03 -30.49 6.89
CA GLU I 42 24.97 -31.50 6.74
C GLU I 42 23.85 -30.91 5.86
N ASN I 43 23.27 -31.70 5.00
CA ASN I 43 22.13 -31.25 4.20
C ASN I 43 20.85 -31.39 5.02
N HIS I 44 20.20 -30.26 5.30
CA HIS I 44 18.97 -30.25 6.11
C HIS I 44 17.82 -30.29 5.14
N LYS I 45 17.18 -31.46 5.01
CA LYS I 45 16.19 -31.70 4.00
C LYS I 45 14.77 -31.68 4.48
N SER I 46 13.89 -31.18 3.62
CA SER I 46 12.45 -31.17 3.83
C SER I 46 11.96 -32.63 3.83
N PHE I 47 10.86 -32.92 4.56
CA PHE I 47 10.30 -34.28 4.62
C PHE I 47 9.55 -34.60 3.31
N ILE I 48 9.27 -33.56 2.49
CA ILE I 48 8.56 -33.71 1.20
C ILE I 48 9.42 -33.29 0.00
N THR I 49 8.95 -33.61 -1.24
CA THR I 49 9.64 -33.25 -2.49
C THR I 49 8.86 -32.18 -3.26
N GLY I 50 9.34 -31.85 -4.47
CA GLY I 50 8.72 -30.87 -5.34
C GLY I 50 9.32 -29.47 -5.28
N PHE I 51 10.52 -29.32 -4.70
CA PHE I 51 11.21 -28.03 -4.60
C PHE I 51 12.19 -27.83 -5.75
N THR I 52 12.52 -26.56 -6.06
CA THR I 52 13.49 -26.16 -7.08
C THR I 52 14.84 -25.88 -6.38
N PRO I 53 15.93 -26.62 -6.71
CA PRO I 53 17.22 -26.36 -6.05
C PRO I 53 17.93 -25.10 -6.56
N VAL I 54 18.69 -24.45 -5.66
CA VAL I 54 19.42 -23.22 -5.92
C VAL I 54 20.82 -23.35 -5.28
N LYS I 55 21.89 -22.99 -6.04
CA LYS I 55 23.25 -22.98 -5.52
C LYS I 55 23.74 -21.52 -5.49
N ILE I 56 24.19 -21.05 -4.32
CA ILE I 56 24.72 -19.70 -4.14
C ILE I 56 26.22 -19.86 -3.84
N SER I 57 27.08 -19.82 -4.87
CA SER I 57 28.52 -20.01 -4.67
C SER I 57 29.17 -18.66 -4.48
N LEU I 58 29.84 -18.48 -3.33
CA LEU I 58 30.47 -17.21 -3.00
C LEU I 58 31.95 -17.18 -3.29
N ASP I 59 32.47 -16.01 -3.67
CA ASP I 59 33.90 -15.82 -3.94
C ASP I 59 34.63 -15.58 -2.59
N PHE I 60 34.62 -16.60 -1.72
CA PHE I 60 35.24 -16.54 -0.40
C PHE I 60 36.77 -16.35 -0.54
N PRO I 61 37.40 -15.48 0.26
CA PRO I 61 36.83 -14.64 1.34
C PRO I 61 36.46 -13.21 0.95
N SER I 62 36.93 -12.70 -0.22
CA SER I 62 36.65 -11.30 -0.59
C SER I 62 35.16 -10.98 -0.80
N GLU I 63 34.33 -12.00 -1.10
CA GLU I 63 32.89 -11.83 -1.21
C GLU I 63 32.26 -12.40 0.05
N TYR I 64 31.44 -11.58 0.73
CA TYR I 64 30.78 -12.05 1.95
C TYR I 64 29.39 -11.46 2.06
N ILE I 65 28.52 -12.16 2.77
CA ILE I 65 27.13 -11.72 2.95
C ILE I 65 27.10 -10.47 3.81
N MET I 66 26.39 -9.44 3.31
CA MET I 66 26.19 -8.17 4.03
C MET I 66 24.75 -8.01 4.48
N GLU I 67 23.81 -8.78 3.90
CA GLU I 67 22.41 -8.71 4.32
C GLU I 67 21.68 -10.00 3.96
N VAL I 68 20.90 -10.51 4.91
CA VAL I 68 20.04 -11.67 4.73
C VAL I 68 18.63 -11.07 4.93
N SER I 69 17.75 -11.25 3.96
CA SER I 69 16.38 -10.75 4.08
C SER I 69 15.42 -11.81 3.56
N GLY I 70 14.16 -11.63 3.86
CA GLY I 70 13.17 -12.59 3.37
C GLY I 70 11.79 -12.36 3.90
N TYR I 71 10.96 -13.41 3.84
CA TYR I 71 9.59 -13.36 4.33
C TYR I 71 9.24 -14.57 5.15
N THR I 72 8.41 -14.38 6.20
CA THR I 72 7.87 -15.47 7.00
C THR I 72 6.37 -15.39 6.81
N GLY I 73 5.71 -16.52 6.85
CA GLY I 73 4.26 -16.55 6.67
C GLY I 73 3.70 -17.92 6.87
N LYS I 74 2.36 -17.99 7.00
CA LYS I 74 1.67 -19.24 7.22
C LYS I 74 1.48 -20.07 5.99
N VAL I 75 1.77 -21.36 6.10
CA VAL I 75 1.51 -22.38 5.07
C VAL I 75 0.87 -23.56 5.80
N SER I 76 -0.37 -23.95 5.43
CA SER I 76 -1.07 -25.09 6.07
C SER I 76 -1.17 -24.99 7.60
N GLY I 77 -1.25 -23.77 8.11
CA GLY I 77 -1.34 -23.50 9.54
C GLY I 77 -0.01 -23.39 10.26
N TYR I 78 1.11 -23.56 9.53
CA TYR I 78 2.45 -23.44 10.13
C TYR I 78 3.16 -22.14 9.73
N VAL I 79 3.81 -21.42 10.68
CA VAL I 79 4.63 -20.24 10.35
C VAL I 79 5.96 -20.79 9.83
N VAL I 80 6.32 -20.42 8.60
CA VAL I 80 7.54 -20.92 7.95
C VAL I 80 8.29 -19.76 7.26
N VAL I 81 9.52 -20.04 6.80
CA VAL I 81 10.32 -19.04 6.07
C VAL I 81 9.93 -19.25 4.61
N ARG I 82 9.26 -18.26 4.02
CA ARG I 82 8.69 -18.32 2.66
C ARG I 82 9.63 -17.90 1.56
N SER I 83 10.52 -16.94 1.86
CA SER I 83 11.47 -16.41 0.87
C SER I 83 12.78 -16.02 1.54
N LEU I 84 13.86 -16.09 0.75
CA LEU I 84 15.19 -15.69 1.19
C LEU I 84 15.93 -14.95 0.10
N THR I 85 16.68 -13.91 0.50
CA THR I 85 17.55 -13.12 -0.36
C THR I 85 18.89 -12.94 0.36
N PHE I 86 20.00 -13.19 -0.35
CA PHE I 86 21.33 -13.01 0.20
C PHE I 86 22.04 -11.93 -0.58
N LYS I 87 22.37 -10.82 0.07
CA LYS I 87 23.07 -9.71 -0.56
C LYS I 87 24.52 -9.72 -0.11
N THR I 88 25.46 -9.75 -1.07
CA THR I 88 26.87 -9.69 -0.69
C THR I 88 27.42 -8.33 -1.11
N ASN I 89 28.71 -8.08 -0.83
CA ASN I 89 29.39 -6.88 -1.28
C ASN I 89 29.61 -6.92 -2.82
N LYS I 90 29.37 -8.09 -3.47
CA LYS I 90 29.59 -8.19 -4.92
C LYS I 90 28.34 -8.41 -5.76
N LYS I 91 27.32 -9.10 -5.21
CA LYS I 91 26.11 -9.47 -5.96
C LYS I 91 24.90 -9.71 -5.03
N THR I 92 23.69 -9.76 -5.64
CA THR I 92 22.46 -10.08 -4.92
C THR I 92 21.99 -11.44 -5.42
N TYR I 93 21.65 -12.34 -4.49
CA TYR I 93 21.19 -13.70 -4.81
C TYR I 93 19.77 -13.82 -4.29
N GLY I 94 18.82 -13.90 -5.20
CA GLY I 94 17.42 -13.98 -4.85
C GLY I 94 16.60 -12.79 -5.32
N PRO I 95 15.32 -12.72 -4.88
CA PRO I 95 14.64 -13.60 -3.91
C PRO I 95 14.35 -15.01 -4.41
N TYR I 96 14.37 -15.98 -3.48
CA TYR I 96 14.01 -17.36 -3.76
C TYR I 96 12.80 -17.71 -2.93
N GLY I 97 11.71 -18.09 -3.57
CA GLY I 97 10.49 -18.44 -2.87
C GLY I 97 9.33 -17.49 -3.12
N VAL I 98 8.44 -17.37 -2.13
CA VAL I 98 7.24 -16.54 -2.21
C VAL I 98 7.46 -15.29 -1.38
N THR I 99 7.49 -14.12 -2.02
CA THR I 99 7.64 -12.82 -1.34
C THR I 99 6.31 -12.27 -0.80
N SER I 100 5.64 -13.07 0.06
CA SER I 100 4.41 -12.69 0.74
C SER I 100 4.49 -13.10 2.22
N GLY I 101 3.79 -12.35 3.06
CA GLY I 101 3.78 -12.51 4.50
C GLY I 101 4.48 -11.34 5.18
N THR I 102 5.26 -11.63 6.23
CA THR I 102 5.95 -10.59 6.98
C THR I 102 7.42 -10.50 6.58
N PRO I 103 7.90 -9.34 6.11
CA PRO I 103 9.34 -9.25 5.79
C PRO I 103 10.23 -9.17 7.02
N PHE I 104 11.48 -9.58 6.84
CA PHE I 104 12.52 -9.43 7.83
C PHE I 104 13.80 -9.08 7.08
N SER I 105 14.71 -8.39 7.78
N SER I 105 14.74 -8.40 7.75
CA SER I 105 15.97 -7.95 7.20
CA SER I 105 16.02 -8.09 7.10
C SER I 105 17.08 -7.96 8.24
C SER I 105 17.10 -7.90 8.14
N LEU I 106 18.23 -8.55 7.91
CA LEU I 106 19.40 -8.52 8.77
C LEU I 106 20.59 -7.96 7.99
N PRO I 107 20.75 -6.62 7.97
CA PRO I 107 21.95 -6.05 7.35
C PRO I 107 23.08 -6.10 8.39
N ILE I 108 24.31 -6.31 7.92
CA ILE I 108 25.48 -6.33 8.80
C ILE I 108 26.40 -5.18 8.40
N GLU I 109 26.73 -4.31 9.35
CA GLU I 109 27.64 -3.19 9.11
C GLU I 109 29.09 -3.60 9.43
N ASN I 110 29.28 -4.48 10.43
CA ASN I 110 30.61 -4.97 10.80
C ASN I 110 30.46 -6.35 11.38
N GLY I 111 31.25 -7.28 10.85
CA GLY I 111 31.20 -8.67 11.30
C GLY I 111 30.74 -9.58 10.18
N LEU I 112 30.62 -10.87 10.51
CA LEU I 112 30.33 -11.89 9.51
C LEU I 112 29.37 -12.94 10.01
N ILE I 113 28.58 -13.50 9.08
CA ILE I 113 27.77 -14.66 9.39
C ILE I 113 28.72 -15.85 9.34
N VAL I 114 28.75 -16.63 10.40
CA VAL I 114 29.67 -17.77 10.49
C VAL I 114 28.97 -19.10 10.76
N GLY I 115 27.64 -19.12 10.71
CA GLY I 115 26.93 -20.35 11.00
C GLY I 115 25.44 -20.17 10.99
N PHE I 116 24.71 -21.28 10.81
CA PHE I 116 23.26 -21.28 10.79
C PHE I 116 22.73 -22.38 11.67
N LYS I 117 21.53 -22.18 12.22
CA LYS I 117 20.77 -23.19 12.96
C LYS I 117 19.30 -22.95 12.64
N GLY I 118 18.47 -23.93 12.92
CA GLY I 118 17.05 -23.77 12.64
C GLY I 118 16.30 -25.06 12.77
N SER I 119 15.24 -25.17 11.98
CA SER I 119 14.40 -26.36 11.98
C SER I 119 13.70 -26.50 10.64
N ILE I 120 13.59 -27.75 10.16
CA ILE I 120 12.92 -28.02 8.89
C ILE I 120 11.97 -29.22 9.07
N GLY I 121 10.70 -29.02 8.70
CA GLY I 121 9.66 -30.05 8.68
C GLY I 121 9.37 -30.30 7.23
N TYR I 122 8.17 -29.89 6.77
CA TYR I 122 7.85 -29.92 5.35
C TYR I 122 8.62 -28.71 4.75
N TRP I 123 8.76 -27.66 5.56
CA TRP I 123 9.44 -26.43 5.15
C TRP I 123 10.38 -25.93 6.23
N LEU I 124 11.22 -24.96 5.86
CA LEU I 124 12.13 -24.29 6.79
C LEU I 124 11.25 -23.49 7.78
N ASP I 125 11.16 -23.99 9.03
CA ASP I 125 10.29 -23.42 10.07
C ASP I 125 10.83 -22.13 10.60
N TYR I 126 12.11 -22.12 10.96
CA TYR I 126 12.79 -20.95 11.48
C TYR I 126 14.28 -21.12 11.28
N PHE I 127 15.03 -20.04 11.46
CA PHE I 127 16.47 -20.10 11.38
C PHE I 127 17.06 -18.95 12.18
N SER I 128 18.30 -19.13 12.63
CA SER I 128 19.08 -18.14 13.37
C SER I 128 20.47 -18.17 12.75
N MET I 129 21.22 -17.09 12.97
CA MET I 129 22.58 -16.95 12.42
C MET I 129 23.59 -16.60 13.50
N TYR I 130 24.75 -17.23 13.43
CA TYR I 130 25.88 -16.95 14.31
C TYR I 130 26.63 -15.83 13.65
N LEU I 131 26.96 -14.78 14.45
CA LEU I 131 27.73 -13.63 13.98
C LEU I 131 29.03 -13.52 14.73
N SER I 132 30.10 -13.16 14.01
CA SER I 132 31.39 -12.97 14.67
C SER I 132 32.21 -11.95 13.94
N LEU I 133 33.25 -11.44 14.60
CA LEU I 133 34.24 -10.58 13.93
C LEU I 133 35.24 -11.50 13.19
N GLN J 3 29.82 -21.38 32.67
CA GLN J 3 31.15 -21.42 32.08
C GLN J 3 31.65 -22.86 31.90
N SER J 4 31.73 -23.30 30.64
CA SER J 4 32.19 -24.65 30.29
C SER J 4 33.33 -24.58 29.26
N GLY J 5 33.76 -25.74 28.77
CA GLY J 5 34.80 -25.84 27.75
C GLY J 5 34.27 -25.56 26.35
N ILE J 6 33.06 -24.96 26.21
CA ILE J 6 32.45 -24.67 24.90
C ILE J 6 32.48 -23.18 24.49
N SER J 7 33.11 -22.87 23.34
CA SER J 7 33.18 -21.51 22.79
C SER J 7 31.77 -20.98 22.44
N GLN J 8 31.55 -19.69 22.70
CA GLN J 8 30.27 -19.00 22.48
C GLN J 8 30.42 -17.91 21.44
N THR J 9 29.33 -17.62 20.70
CA THR J 9 29.32 -16.52 19.73
C THR J 9 27.94 -15.86 19.77
N VAL J 10 27.85 -14.62 19.29
CA VAL J 10 26.59 -13.89 19.17
C VAL J 10 25.69 -14.69 18.19
N ILE J 11 24.42 -14.83 18.54
CA ILE J 11 23.44 -15.48 17.67
C ILE J 11 22.25 -14.55 17.58
N VAL J 12 21.82 -14.24 16.33
CA VAL J 12 20.63 -13.43 16.06
C VAL J 12 19.56 -14.30 15.45
N GLY J 13 18.32 -14.03 15.82
CA GLY J 13 17.19 -14.83 15.41
C GLY J 13 16.49 -15.41 16.63
N PRO J 14 15.56 -16.35 16.45
CA PRO J 14 15.10 -16.91 15.18
C PRO J 14 14.11 -16.04 14.42
N TRP J 15 14.05 -16.23 13.09
CA TRP J 15 13.00 -15.65 12.22
C TRP J 15 12.20 -16.85 11.73
N GLY J 16 10.89 -16.80 11.91
CA GLY J 16 9.97 -17.89 11.52
C GLY J 16 9.11 -18.30 12.70
N ALA J 17 8.82 -19.62 12.80
CA ALA J 17 8.01 -20.18 13.88
C ALA J 17 8.69 -20.03 15.26
N GLN J 18 7.90 -19.99 16.32
CA GLN J 18 8.42 -20.05 17.67
C GLN J 18 8.98 -21.43 17.98
N VAL J 19 9.85 -21.49 18.96
CA VAL J 19 10.43 -22.73 19.49
C VAL J 19 11.86 -22.93 19.06
N GLY K 1 20.19 14.34 7.59
CA GLY K 1 20.23 14.37 9.04
C GLY K 1 21.64 14.40 9.59
N LYS K 2 21.74 14.56 10.92
CA LYS K 2 23.03 14.59 11.61
C LYS K 2 23.37 13.19 12.11
N ALA K 3 24.45 12.63 11.57
CA ALA K 3 24.94 11.30 11.94
C ALA K 3 25.41 11.32 13.37
N PHE K 4 25.18 10.21 14.07
CA PHE K 4 25.63 10.03 15.45
C PHE K 4 26.20 8.64 15.62
N ASP K 5 27.08 8.49 16.62
CA ASP K 5 27.68 7.20 16.92
C ASP K 5 28.14 7.20 18.36
N ASP K 6 27.40 6.51 19.23
CA ASP K 6 27.77 6.45 20.66
C ASP K 6 28.95 5.51 20.90
N GLY K 7 29.10 4.55 20.01
CA GLY K 7 30.13 3.53 20.18
C GLY K 7 29.63 2.44 21.10
N VAL K 8 30.55 1.67 21.68
CA VAL K 8 30.26 0.47 22.44
C VAL K 8 30.54 0.60 23.94
N PHE K 9 29.64 0.03 24.76
CA PHE K 9 29.72 0.06 26.22
C PHE K 9 29.54 -1.36 26.80
N THR K 10 29.21 -1.47 28.11
CA THR K 10 29.06 -2.76 28.79
C THR K 10 27.63 -3.26 28.79
N GLY K 11 26.69 -2.36 28.59
CA GLY K 11 25.28 -2.70 28.64
C GLY K 11 24.43 -1.45 28.59
N ILE K 12 23.12 -1.63 28.84
CA ILE K 12 22.18 -0.51 28.74
C ILE K 12 21.41 -0.35 30.03
N ARG K 13 21.33 0.90 30.53
CA ARG K 13 20.53 1.17 31.75
C ARG K 13 19.20 1.86 31.43
N GLU K 14 19.18 2.78 30.45
CA GLU K 14 18.00 3.58 30.17
C GLU K 14 18.01 4.07 28.74
N ILE K 15 16.83 4.13 28.12
CA ILE K 15 16.67 4.69 26.78
C ILE K 15 15.64 5.81 26.92
N ASN K 16 15.99 6.99 26.43
CA ASN K 16 15.11 8.17 26.42
C ASN K 16 14.85 8.53 24.98
N LEU K 17 13.61 8.32 24.53
CA LEU K 17 13.29 8.65 23.16
C LEU K 17 12.02 9.47 23.08
N SER K 18 11.77 10.04 21.90
CA SER K 18 10.54 10.80 21.68
C SER K 18 9.91 10.36 20.37
N TYR K 19 8.58 10.44 20.29
CA TYR K 19 7.83 10.01 19.12
C TYR K 19 6.65 10.92 18.84
N ASN K 20 6.10 10.81 17.64
CA ASN K 20 4.91 11.53 17.26
C ASN K 20 3.97 10.51 16.62
N LYS K 21 2.73 10.38 17.16
CA LYS K 21 1.71 9.42 16.72
C LYS K 21 1.23 9.60 15.26
N GLU K 22 1.63 10.72 14.62
CA GLU K 22 1.27 11.02 13.23
C GLU K 22 2.46 10.88 12.27
N THR K 23 3.70 10.90 12.80
CA THR K 23 4.89 10.84 11.96
C THR K 23 5.85 9.70 12.26
N ALA K 24 6.85 9.93 13.13
CA ALA K 24 7.89 8.94 13.36
C ALA K 24 8.61 9.18 14.69
N ILE K 25 9.74 8.49 14.90
CA ILE K 25 10.60 8.67 16.08
C ILE K 25 11.36 9.98 15.87
N GLY K 26 11.52 10.74 16.95
CA GLY K 26 12.26 12.00 16.95
C GLY K 26 13.58 11.86 17.67
N ASP K 27 13.61 12.20 18.94
CA ASP K 27 14.84 12.17 19.76
C ASP K 27 15.26 10.77 20.18
N PHE K 28 16.56 10.59 20.42
CA PHE K 28 17.11 9.32 20.89
C PHE K 28 18.32 9.57 21.77
N GLN K 29 18.32 9.00 22.97
CA GLN K 29 19.41 9.15 23.93
C GLN K 29 19.50 7.86 24.77
N VAL K 30 20.72 7.46 25.18
CA VAL K 30 20.89 6.23 25.96
C VAL K 30 21.77 6.45 27.19
N VAL K 31 21.36 5.90 28.33
CA VAL K 31 22.18 5.84 29.54
C VAL K 31 22.76 4.43 29.50
N TYR K 32 24.06 4.33 29.23
CA TYR K 32 24.71 3.03 29.13
C TYR K 32 25.25 2.60 30.47
N ASP K 33 25.63 1.31 30.57
CA ASP K 33 26.43 0.86 31.69
C ASP K 33 27.85 0.89 31.17
N LEU K 34 28.76 1.45 31.99
CA LEU K 34 30.18 1.43 31.67
C LEU K 34 30.89 0.82 32.86
N ASN K 35 31.15 -0.50 32.77
CA ASN K 35 31.86 -1.25 33.81
C ASN K 35 31.26 -1.08 35.22
N GLY K 36 29.93 -1.18 35.29
CA GLY K 36 29.19 -1.12 36.56
C GLY K 36 28.70 0.26 36.98
N SER K 37 29.03 1.30 36.20
CA SER K 37 28.62 2.67 36.46
C SER K 37 27.80 3.24 35.30
N PRO K 38 26.80 4.14 35.56
CA PRO K 38 26.07 4.71 34.43
C PRO K 38 26.94 5.68 33.64
N TYR K 39 26.73 5.73 32.34
CA TYR K 39 27.43 6.64 31.45
C TYR K 39 26.35 7.28 30.57
N VAL K 40 26.18 8.60 30.71
CA VAL K 40 25.16 9.34 29.98
C VAL K 40 25.60 9.63 28.56
N GLY K 41 24.91 9.00 27.61
CA GLY K 41 25.18 9.21 26.19
C GLY K 41 24.70 10.59 25.75
N GLU K 42 25.25 11.14 24.65
CA GLU K 42 24.74 12.43 24.20
C GLU K 42 23.31 12.32 23.65
N ASN K 43 22.52 13.39 23.84
CA ASN K 43 21.14 13.43 23.35
C ASN K 43 21.20 13.76 21.88
N HIS K 44 20.66 12.88 21.05
CA HIS K 44 20.60 13.04 19.61
C HIS K 44 19.19 13.57 19.34
N LYS K 45 19.14 14.86 19.03
CA LYS K 45 17.91 15.60 18.92
C LYS K 45 17.40 15.83 17.51
N SER K 46 16.08 15.79 17.38
CA SER K 46 15.40 16.13 16.13
C SER K 46 15.62 17.60 15.85
N PHE K 47 15.60 18.00 14.57
CA PHE K 47 15.72 19.40 14.15
C PHE K 47 14.42 20.18 14.48
N ILE K 48 13.31 19.44 14.74
CA ILE K 48 11.99 20.01 15.05
C ILE K 48 11.46 19.58 16.43
N THR K 49 10.34 20.17 16.87
CA THR K 49 9.68 19.90 18.15
C THR K 49 8.31 19.18 17.93
N GLY K 50 7.52 19.03 18.99
CA GLY K 50 6.19 18.43 18.92
C GLY K 50 6.12 16.95 19.24
N PHE K 51 7.23 16.38 19.75
CA PHE K 51 7.27 14.96 20.07
C PHE K 51 6.88 14.70 21.52
N THR K 52 6.49 13.44 21.80
CA THR K 52 6.12 12.96 23.12
C THR K 52 7.31 12.17 23.68
N PRO K 53 7.91 12.59 24.82
CA PRO K 53 9.04 11.81 25.37
C PRO K 53 8.60 10.56 26.12
N VAL K 54 9.48 9.56 26.16
CA VAL K 54 9.31 8.32 26.93
C VAL K 54 10.65 7.93 27.55
N LYS K 55 10.60 7.46 28.80
CA LYS K 55 11.77 6.99 29.54
C LYS K 55 11.61 5.49 29.76
N ILE K 56 12.52 4.71 29.20
CA ILE K 56 12.56 3.26 29.36
C ILE K 56 13.68 3.02 30.35
N SER K 57 13.32 2.74 31.62
N SER K 57 13.31 2.75 31.62
CA SER K 57 14.29 2.54 32.70
CA SER K 57 14.28 2.51 32.70
C SER K 57 14.42 1.05 33.00
C SER K 57 14.39 1.01 32.95
N LEU K 58 15.55 0.44 32.61
CA LEU K 58 15.79 -1.00 32.80
C LEU K 58 16.37 -1.34 34.14
N ASP K 59 15.93 -2.48 34.69
CA ASP K 59 16.46 -3.02 35.94
C ASP K 59 17.79 -3.69 35.63
N PHE K 60 18.78 -2.89 35.20
CA PHE K 60 20.12 -3.38 34.88
C PHE K 60 20.78 -3.93 36.17
N PRO K 61 21.49 -5.09 36.15
CA PRO K 61 21.78 -6.00 35.02
C PRO K 61 20.80 -7.15 34.80
N SER K 62 19.84 -7.40 35.73
CA SER K 62 18.92 -8.53 35.56
C SER K 62 17.96 -8.39 34.36
N GLU K 63 17.66 -7.13 33.95
CA GLU K 63 16.78 -6.87 32.80
C GLU K 63 17.60 -6.38 31.61
N TYR K 64 17.42 -7.03 30.46
CA TYR K 64 18.16 -6.65 29.25
C TYR K 64 17.31 -6.87 28.01
N ILE K 65 17.58 -6.11 26.96
CA ILE K 65 16.89 -6.20 25.68
C ILE K 65 17.18 -7.52 24.98
N MET K 66 16.10 -8.20 24.56
CA MET K 66 16.22 -9.46 23.81
C MET K 66 15.74 -9.30 22.37
N GLU K 67 15.01 -8.22 22.07
CA GLU K 67 14.55 -7.95 20.71
C GLU K 67 14.27 -6.46 20.51
N VAL K 68 14.69 -5.94 19.37
CA VAL K 68 14.37 -4.58 18.94
C VAL K 68 13.56 -4.74 17.64
N SER K 69 12.40 -4.12 17.57
CA SER K 69 11.59 -4.20 16.35
C SER K 69 11.03 -2.83 16.03
N GLY K 70 10.41 -2.71 14.85
CA GLY K 70 9.84 -1.42 14.47
C GLY K 70 9.34 -1.42 13.05
N TYR K 71 9.16 -0.21 12.52
CA TYR K 71 8.69 0.03 11.16
C TYR K 71 9.51 1.13 10.54
N THR K 72 9.77 0.99 9.24
CA THR K 72 10.41 2.05 8.46
C THR K 72 9.39 2.42 7.40
N GLY K 73 9.37 3.68 7.00
CA GLY K 73 8.39 4.15 6.01
C GLY K 73 8.55 5.61 5.67
N LYS K 74 7.80 6.05 4.67
CA LYS K 74 7.87 7.42 4.20
C LYS K 74 7.09 8.41 5.05
N VAL K 75 7.75 9.52 5.39
CA VAL K 75 7.17 10.67 6.09
C VAL K 75 7.68 11.88 5.32
N SER K 76 6.75 12.65 4.71
CA SER K 76 7.06 13.85 3.91
C SER K 76 8.11 13.58 2.81
N GLY K 77 8.08 12.36 2.26
CA GLY K 77 8.99 11.93 1.20
C GLY K 77 10.33 11.37 1.63
N TYR K 78 10.53 11.18 2.96
CA TYR K 78 11.78 10.64 3.51
C TYR K 78 11.55 9.27 4.11
N VAL K 79 12.48 8.31 3.88
CA VAL K 79 12.40 6.98 4.50
C VAL K 79 12.97 7.18 5.92
N VAL K 80 12.16 6.91 6.94
CA VAL K 80 12.55 7.13 8.34
C VAL K 80 12.10 5.94 9.21
N VAL K 81 12.59 5.90 10.45
CA VAL K 81 12.16 4.88 11.41
C VAL K 81 10.87 5.40 12.05
N ARG K 82 9.72 4.84 11.63
CA ARG K 82 8.41 5.31 12.07
C ARG K 82 8.01 4.83 13.47
N SER K 83 8.47 3.64 13.85
CA SER K 83 8.13 3.05 15.11
C SER K 83 9.28 2.25 15.67
N LEU K 84 9.35 2.15 17.01
CA LEU K 84 10.31 1.29 17.70
C LEU K 84 9.61 0.55 18.85
N THR K 85 10.09 -0.67 19.12
CA THR K 85 9.67 -1.47 20.26
C THR K 85 10.96 -2.11 20.81
N PHE K 86 11.09 -2.11 22.14
CA PHE K 86 12.19 -2.75 22.86
C PHE K 86 11.60 -3.80 23.75
N LYS K 87 11.91 -5.08 23.46
CA LYS K 87 11.41 -6.20 24.24
C LYS K 87 12.54 -6.72 25.13
N THR K 88 12.29 -6.78 26.45
CA THR K 88 13.32 -7.29 27.37
C THR K 88 12.91 -8.66 27.87
N ASN K 89 13.74 -9.30 28.70
CA ASN K 89 13.43 -10.60 29.32
C ASN K 89 12.33 -10.46 30.36
N LYS K 90 11.99 -9.20 30.73
CA LYS K 90 10.98 -8.93 31.74
C LYS K 90 9.68 -8.36 31.18
N LYS K 91 9.76 -7.40 30.23
CA LYS K 91 8.59 -6.65 29.71
C LYS K 91 8.81 -6.16 28.26
N THR K 92 7.73 -5.66 27.64
CA THR K 92 7.80 -5.04 26.31
C THR K 92 7.51 -3.55 26.47
N TYR K 93 8.40 -2.72 25.90
CA TYR K 93 8.29 -1.27 25.91
C TYR K 93 7.96 -0.85 24.50
N GLY K 94 6.72 -0.40 24.30
CA GLY K 94 6.28 0.00 22.98
C GLY K 94 5.03 -0.72 22.52
N PRO K 95 4.57 -0.48 21.26
CA PRO K 95 5.23 0.32 20.21
C PRO K 95 5.12 1.81 20.40
N TYR K 96 6.20 2.52 20.03
CA TYR K 96 6.28 3.98 20.08
C TYR K 96 6.30 4.48 18.64
N GLY K 97 5.44 5.43 18.32
CA GLY K 97 5.37 6.00 16.99
C GLY K 97 4.24 5.48 16.14
N VAL K 98 4.50 5.30 14.83
CA VAL K 98 3.47 4.85 13.89
C VAL K 98 3.87 3.48 13.38
N THR K 99 3.04 2.48 13.66
CA THR K 99 3.29 1.10 13.29
C THR K 99 2.82 0.85 11.83
N SER K 100 3.39 1.62 10.89
CA SER K 100 2.99 1.52 9.49
C SER K 100 4.21 1.58 8.57
N GLY K 101 4.13 0.84 7.47
CA GLY K 101 5.21 0.75 6.50
C GLY K 101 5.77 -0.66 6.45
N THR K 102 7.11 -0.78 6.49
CA THR K 102 7.78 -2.07 6.41
C THR K 102 8.28 -2.47 7.81
N PRO K 103 7.86 -3.62 8.35
CA PRO K 103 8.39 -4.03 9.67
C PRO K 103 9.83 -4.54 9.58
N PHE K 104 10.54 -4.47 10.71
CA PHE K 104 11.85 -5.09 10.92
C PHE K 104 11.89 -5.62 12.34
N SER K 105 12.70 -6.66 12.55
N SER K 105 12.75 -6.59 12.63
CA SER K 105 12.83 -7.38 13.82
CA SER K 105 12.90 -7.12 13.98
C SER K 105 14.28 -7.86 14.05
C SER K 105 14.24 -7.79 14.10
N LEU K 106 14.89 -7.52 15.21
CA LEU K 106 16.20 -8.05 15.54
C LEU K 106 16.05 -8.83 16.85
N PRO K 107 15.71 -10.12 16.80
CA PRO K 107 15.73 -10.91 18.04
C PRO K 107 17.17 -11.34 18.31
N ILE K 108 17.56 -11.36 19.58
CA ILE K 108 18.90 -11.82 19.96
C ILE K 108 18.74 -13.11 20.72
N GLU K 109 19.36 -14.16 20.21
CA GLU K 109 19.34 -15.47 20.86
C GLU K 109 20.49 -15.58 21.86
N ASN K 110 21.67 -15.00 21.53
CA ASN K 110 22.83 -15.00 22.42
C ASN K 110 23.57 -13.72 22.20
N GLY K 111 23.77 -12.96 23.26
CA GLY K 111 24.48 -11.69 23.15
C GLY K 111 23.69 -10.52 23.67
N LEU K 112 24.24 -9.31 23.51
CA LEU K 112 23.63 -8.11 24.07
C LEU K 112 23.84 -6.93 23.17
N ILE K 113 22.90 -5.97 23.21
CA ILE K 113 23.08 -4.70 22.53
C ILE K 113 23.95 -3.86 23.48
N VAL K 114 25.02 -3.26 22.96
CA VAL K 114 25.93 -2.47 23.79
C VAL K 114 26.19 -1.06 23.22
N GLY K 115 25.47 -0.67 22.19
CA GLY K 115 25.70 0.63 21.58
C GLY K 115 24.74 0.92 20.44
N PHE K 116 24.59 2.21 20.11
CA PHE K 116 23.74 2.67 19.02
C PHE K 116 24.45 3.72 18.18
N LYS K 117 24.12 3.74 16.89
CA LYS K 117 24.56 4.77 15.96
C LYS K 117 23.43 4.96 14.97
N GLY K 118 23.47 6.05 14.24
CA GLY K 118 22.42 6.33 13.27
C GLY K 118 22.50 7.76 12.81
N SER K 119 21.34 8.31 12.48
CA SER K 119 21.26 9.69 11.98
C SER K 119 19.88 10.20 12.24
N ILE K 120 19.78 11.46 12.67
CA ILE K 120 18.49 12.12 12.94
C ILE K 120 18.42 13.46 12.23
N GLY K 121 17.33 13.69 11.51
CA GLY K 121 17.01 14.97 10.84
C GLY K 121 15.80 15.51 11.57
N TYR K 122 14.66 15.63 10.89
CA TYR K 122 13.40 15.96 11.56
C TYR K 122 13.04 14.69 12.37
N TRP K 123 13.38 13.52 11.80
CA TRP K 123 13.09 12.21 12.40
C TRP K 123 14.32 11.30 12.38
N LEU K 124 14.23 10.18 13.10
CA LEU K 124 15.29 9.20 13.12
C LEU K 124 15.31 8.59 11.71
N ASP K 125 16.38 8.89 10.93
CA ASP K 125 16.50 8.44 9.55
C ASP K 125 16.84 6.97 9.46
N TYR K 126 17.80 6.55 10.28
CA TYR K 126 18.24 5.16 10.34
C TYR K 126 18.99 4.92 11.61
N PHE K 127 19.18 3.65 11.94
CA PHE K 127 20.01 3.32 13.10
C PHE K 127 20.61 1.93 12.96
N SER K 128 21.69 1.71 13.70
CA SER K 128 22.40 0.44 13.77
C SER K 128 22.70 0.16 15.23
N MET K 129 22.99 -1.09 15.53
CA MET K 129 23.27 -1.50 16.91
C MET K 129 24.56 -2.31 17.03
N TYR K 130 25.35 -1.99 18.06
CA TYR K 130 26.56 -2.75 18.39
C TYR K 130 26.13 -3.96 19.21
N LEU K 131 26.63 -5.15 18.84
CA LEU K 131 26.32 -6.39 19.57
C LEU K 131 27.58 -6.99 20.13
N SER K 132 27.47 -7.54 21.34
CA SER K 132 28.60 -8.22 21.96
C SER K 132 28.14 -9.39 22.82
N LEU K 133 29.05 -10.29 23.14
CA LEU K 133 28.79 -11.35 24.13
C LEU K 133 28.84 -10.74 25.56
N GLN L 3 45.40 -4.52 13.55
CA GLN L 3 46.28 -3.55 12.92
C GLN L 3 46.21 -2.18 13.62
N SER L 4 45.03 -1.81 14.15
CA SER L 4 44.87 -0.55 14.86
C SER L 4 44.72 -0.80 16.36
N GLY L 5 44.95 0.23 17.15
CA GLY L 5 44.75 0.17 18.58
C GLY L 5 43.31 0.35 18.97
N ILE L 6 42.33 0.22 18.01
CA ILE L 6 40.93 0.44 18.34
C ILE L 6 40.18 -0.87 18.34
N SER L 7 39.52 -1.19 19.46
N SER L 7 39.58 -1.23 19.48
CA SER L 7 38.74 -2.41 19.61
CA SER L 7 38.82 -2.49 19.58
C SER L 7 37.55 -2.42 18.64
C SER L 7 37.56 -2.45 18.70
N GLN L 8 37.21 -3.61 18.11
CA GLN L 8 36.11 -3.77 17.16
C GLN L 8 34.93 -4.51 17.80
N THR L 9 33.73 -4.27 17.26
CA THR L 9 32.52 -4.90 17.75
C THR L 9 31.63 -5.22 16.53
N VAL L 10 30.83 -6.30 16.60
CA VAL L 10 29.84 -6.60 15.56
C VAL L 10 28.85 -5.44 15.54
N ILE L 11 28.46 -5.00 14.34
CA ILE L 11 27.43 -3.96 14.19
C ILE L 11 26.38 -4.48 13.22
N VAL L 12 25.09 -4.45 13.64
CA VAL L 12 24.00 -4.85 12.75
C VAL L 12 23.21 -3.61 12.39
N GLY L 13 22.69 -3.59 11.18
CA GLY L 13 21.99 -2.44 10.63
C GLY L 13 22.70 -1.93 9.38
N PRO L 14 22.28 -0.78 8.84
CA PRO L 14 21.22 0.11 9.32
C PRO L 14 19.81 -0.28 8.88
N TRP L 15 18.84 0.10 9.71
CA TRP L 15 17.42 -0.03 9.37
C TRP L 15 16.93 1.40 9.20
N GLY L 16 16.25 1.68 8.09
CA GLY L 16 15.77 3.03 7.78
C GLY L 16 16.24 3.45 6.40
N ALA L 17 16.51 4.76 6.22
CA ALA L 17 17.00 5.34 4.97
C ALA L 17 18.39 4.84 4.54
N GLN L 18 18.79 5.21 3.30
CA GLN L 18 20.07 4.91 2.62
C GLN L 18 20.28 3.43 2.34
N GLY M 1 0.38 42.62 -2.87
CA GLY M 1 1.29 41.99 -1.93
C GLY M 1 1.28 40.47 -2.02
N LYS M 2 2.46 39.84 -1.88
CA LYS M 2 2.70 38.40 -2.01
C LYS M 2 2.43 37.86 -3.42
N ALA M 3 1.42 36.98 -3.68
CA ALA M 3 1.16 36.49 -5.04
C ALA M 3 0.63 37.64 -5.92
N PHE M 4 0.99 37.61 -7.20
CA PHE M 4 0.48 38.59 -8.15
C PHE M 4 0.14 37.89 -9.44
N ASP M 5 -0.78 38.48 -10.21
CA ASP M 5 -1.16 37.94 -11.51
C ASP M 5 -1.64 39.09 -12.38
N ASP M 6 -0.79 39.55 -13.32
CA ASP M 6 -1.16 40.66 -14.20
C ASP M 6 -2.24 40.23 -15.20
N GLY M 7 -2.23 38.95 -15.57
CA GLY M 7 -3.13 38.43 -16.58
C GLY M 7 -2.58 38.61 -17.98
N VAL M 8 -3.46 38.56 -18.99
CA VAL M 8 -3.12 38.59 -20.40
C VAL M 8 -3.41 39.92 -21.11
N PHE M 9 -2.51 40.31 -22.02
CA PHE M 9 -2.58 41.57 -22.77
C PHE M 9 -2.24 41.32 -24.24
N THR M 10 -2.06 42.40 -25.03
CA THR M 10 -1.79 42.26 -26.46
C THR M 10 -0.28 42.12 -26.76
N GLY M 11 0.55 42.56 -25.84
CA GLY M 11 1.99 42.55 -26.05
C GLY M 11 2.72 43.23 -24.92
N ILE M 12 4.03 43.42 -25.08
CA ILE M 12 4.83 44.02 -24.02
C ILE M 12 5.54 45.25 -24.52
N ARG M 13 5.48 46.34 -23.75
CA ARG M 13 6.14 47.60 -24.12
C ARG M 13 7.38 47.88 -23.27
N GLU M 14 7.32 47.62 -21.96
CA GLU M 14 8.45 47.94 -21.08
C GLU M 14 8.47 46.98 -19.91
N ILE M 15 9.66 46.64 -19.42
CA ILE M 15 9.79 45.82 -18.24
C ILE M 15 10.68 46.60 -17.27
N ASN M 16 10.18 46.79 -16.05
CA ASN M 16 10.94 47.44 -14.99
C ASN M 16 11.23 46.39 -13.95
N LEU M 17 12.50 46.24 -13.57
CA LEU M 17 12.84 45.28 -12.53
C LEU M 17 13.95 45.85 -11.68
N SER M 18 14.31 45.14 -10.62
CA SER M 18 15.46 45.57 -9.82
C SER M 18 16.14 44.30 -9.33
N TYR M 19 17.41 44.41 -8.95
CA TYR M 19 18.14 43.24 -8.46
C TYR M 19 19.25 43.64 -7.51
N ASN M 20 19.81 42.63 -6.83
CA ASN M 20 20.96 42.82 -5.98
C ASN M 20 21.87 41.61 -6.25
N LYS M 21 23.15 41.86 -6.58
CA LYS M 21 24.10 40.75 -6.90
C LYS M 21 24.22 39.72 -5.76
N GLU M 22 24.04 40.17 -4.50
CA GLU M 22 24.21 39.33 -3.32
C GLU M 22 22.96 38.49 -3.04
N THR M 23 21.81 38.91 -3.60
CA THR M 23 20.55 38.24 -3.34
C THR M 23 19.84 37.84 -4.66
N ALA M 24 18.83 38.62 -5.08
CA ALA M 24 18.01 38.21 -6.20
C ALA M 24 17.21 39.38 -6.77
N ILE M 25 16.24 39.09 -7.64
CA ILE M 25 15.32 40.10 -8.20
C ILE M 25 14.42 40.68 -7.08
N GLY M 26 14.33 42.00 -7.00
CA GLY M 26 13.54 42.69 -5.96
C GLY M 26 12.35 43.55 -6.39
N ASP M 27 12.09 43.66 -7.66
CA ASP M 27 10.93 44.43 -8.17
C ASP M 27 10.61 43.89 -9.51
N PHE M 28 9.32 43.91 -9.88
CA PHE M 28 8.92 43.50 -11.21
C PHE M 28 7.68 44.26 -11.58
N GLN M 29 7.73 44.95 -12.73
N GLN M 29 7.73 45.03 -12.70
CA GLN M 29 6.59 45.72 -13.20
CA GLN M 29 6.57 45.82 -13.18
C GLN M 29 6.64 45.71 -14.71
C GLN M 29 6.61 45.94 -14.69
N VAL M 30 5.47 45.66 -15.34
CA VAL M 30 5.41 45.65 -16.79
C VAL M 30 4.45 46.68 -17.32
N VAL M 31 4.87 47.38 -18.40
CA VAL M 31 3.96 48.22 -19.15
C VAL M 31 3.60 47.35 -20.35
N TYR M 32 2.33 46.94 -20.42
CA TYR M 32 1.86 46.12 -21.53
C TYR M 32 1.29 46.93 -22.66
N ASP M 33 1.05 46.27 -23.80
CA ASP M 33 0.23 46.89 -24.83
C ASP M 33 -1.15 46.31 -24.62
N LEU M 34 -2.14 47.17 -24.63
CA LEU M 34 -3.53 46.72 -24.57
C LEU M 34 -4.23 47.34 -25.77
N ASN M 35 -4.31 46.56 -26.88
CA ASN M 35 -5.00 47.02 -28.09
C ASN M 35 -4.46 48.37 -28.61
N GLY M 36 -3.15 48.54 -28.52
CA GLY M 36 -2.51 49.74 -29.04
C GLY M 36 -2.16 50.79 -28.00
N SER M 37 -2.76 50.69 -26.79
CA SER M 37 -2.47 51.65 -25.73
C SER M 37 -1.59 51.05 -24.65
N PRO M 38 -0.58 51.79 -24.16
CA PRO M 38 0.17 51.28 -23.00
C PRO M 38 -0.74 51.07 -21.80
N TYR M 39 -0.55 49.96 -21.09
CA TYR M 39 -1.31 49.67 -19.88
C TYR M 39 -0.27 49.41 -18.80
N VAL M 40 -0.23 50.28 -17.79
CA VAL M 40 0.76 50.17 -16.73
C VAL M 40 0.30 49.12 -15.73
N GLY M 41 1.03 48.00 -15.66
CA GLY M 41 0.70 46.95 -14.68
C GLY M 41 1.03 47.41 -13.27
N GLU M 42 0.46 46.73 -12.28
CA GLU M 42 0.73 47.00 -10.86
C GLU M 42 2.25 46.80 -10.58
N ASN M 43 2.85 47.65 -9.74
CA ASN M 43 4.26 47.48 -9.39
C ASN M 43 4.35 46.41 -8.31
N HIS M 44 5.05 45.32 -8.59
CA HIS M 44 5.19 44.21 -7.66
C HIS M 44 6.54 44.41 -6.98
N LYS M 45 6.48 45.01 -5.79
CA LYS M 45 7.68 45.44 -5.07
C LYS M 45 8.10 44.56 -3.92
N SER M 46 9.42 44.48 -3.72
CA SER M 46 10.00 43.77 -2.59
C SER M 46 9.58 44.44 -1.30
N PHE M 47 9.49 43.63 -0.24
CA PHE M 47 9.20 44.08 1.11
C PHE M 47 10.41 44.87 1.68
N ILE M 48 11.60 44.78 1.02
CA ILE M 48 12.87 45.44 1.41
C ILE M 48 13.48 46.37 0.33
N THR M 49 14.60 47.06 0.66
CA THR M 49 15.30 48.01 -0.22
C THR M 49 16.79 47.65 -0.55
N GLY M 50 17.44 48.51 -1.33
CA GLY M 50 18.84 48.39 -1.72
C GLY M 50 19.11 47.75 -3.07
N PHE M 51 18.09 47.67 -3.92
CA PHE M 51 18.22 47.05 -5.25
C PHE M 51 18.64 48.04 -6.34
N THR M 52 19.28 47.50 -7.41
CA THR M 52 19.70 48.26 -8.58
C THR M 52 18.52 48.25 -9.57
N PRO M 53 17.96 49.43 -9.96
CA PRO M 53 16.82 49.44 -10.90
C PRO M 53 17.24 49.25 -12.35
N VAL M 54 16.35 48.63 -13.13
CA VAL M 54 16.57 48.37 -14.54
C VAL M 54 15.28 48.73 -15.29
N LYS M 55 15.41 49.43 -16.44
CA LYS M 55 14.26 49.75 -17.28
C LYS M 55 14.59 49.21 -18.68
N ILE M 56 13.78 48.24 -19.16
CA ILE M 56 13.91 47.63 -20.49
C ILE M 56 12.77 48.21 -21.32
N SER M 57 13.09 49.15 -22.24
CA SER M 57 12.08 49.77 -23.10
C SER M 57 12.13 49.06 -24.43
N LEU M 58 11.03 48.44 -24.84
CA LEU M 58 11.05 47.73 -26.12
C LEU M 58 10.52 48.57 -27.24
N ASP M 59 11.10 48.40 -28.46
CA ASP M 59 10.64 49.12 -29.66
C ASP M 59 9.37 48.41 -30.20
N PHE M 60 8.31 48.37 -29.34
CA PHE M 60 7.03 47.74 -29.71
C PHE M 60 6.39 48.47 -30.92
N PRO M 61 5.76 47.77 -31.91
CA PRO M 61 5.57 46.31 -32.03
C PRO M 61 6.68 45.54 -32.75
N SER M 62 7.65 46.24 -33.41
CA SER M 62 8.72 45.55 -34.14
CA SER M 62 8.76 45.61 -34.15
C SER M 62 9.63 44.68 -33.28
N GLU M 63 9.98 45.15 -32.08
CA GLU M 63 10.84 44.43 -31.15
C GLU M 63 9.97 43.67 -30.17
N TYR M 64 10.29 42.38 -29.98
CA TYR M 64 9.57 41.52 -29.04
C TYR M 64 10.53 40.46 -28.47
N ILE M 65 10.19 39.97 -27.28
CA ILE M 65 11.00 38.98 -26.57
C ILE M 65 10.94 37.62 -27.30
N MET M 66 12.12 37.03 -27.55
CA MET M 66 12.24 35.72 -28.18
C MET M 66 12.78 34.67 -27.20
N GLU M 67 13.36 35.13 -26.05
CA GLU M 67 13.84 34.21 -25.03
C GLU M 67 13.94 34.90 -23.69
N VAL M 68 13.45 34.21 -22.66
CA VAL M 68 13.56 34.61 -21.25
C VAL M 68 14.41 33.51 -20.60
N SER M 69 15.50 33.90 -19.96
CA SER M 69 16.35 32.94 -19.27
C SER M 69 16.71 33.53 -17.92
N GLY M 70 17.25 32.70 -17.06
CA GLY M 70 17.62 33.18 -15.74
C GLY M 70 18.20 32.07 -14.92
N TYR M 71 18.31 32.35 -13.62
CA TYR M 71 18.86 31.44 -12.64
C TYR M 71 18.03 31.49 -11.39
N THR M 72 17.81 30.33 -10.78
CA THR M 72 17.13 30.22 -9.50
C THR M 72 18.13 29.70 -8.47
N GLY M 73 17.90 30.01 -7.22
CA GLY M 73 18.80 29.57 -6.18
C GLY M 73 18.29 29.90 -4.81
N LYS M 74 18.92 29.35 -3.78
CA LYS M 74 18.50 29.61 -2.40
C LYS M 74 19.11 30.90 -1.89
N VAL M 75 18.28 31.81 -1.36
CA VAL M 75 18.74 33.08 -0.82
C VAL M 75 18.06 33.19 0.55
N SER M 76 18.87 33.25 1.62
CA SER M 76 18.38 33.35 2.99
C SER M 76 17.33 32.24 3.33
N GLY M 77 17.52 31.06 2.76
CA GLY M 77 16.68 29.88 3.00
C GLY M 77 15.45 29.76 2.13
N TYR M 78 15.31 30.67 1.14
CA TYR M 78 14.17 30.67 0.21
C TYR M 78 14.62 30.41 -1.22
N VAL M 79 13.86 29.60 -2.00
CA VAL M 79 14.18 29.43 -3.41
C VAL M 79 13.60 30.63 -4.15
N VAL M 80 14.45 31.35 -4.88
CA VAL M 80 14.03 32.59 -5.56
C VAL M 80 14.69 32.70 -6.94
N VAL M 81 14.24 33.70 -7.72
CA VAL M 81 14.81 33.99 -9.03
C VAL M 81 15.96 34.97 -8.79
N ARG M 82 17.20 34.51 -8.97
CA ARG M 82 18.40 35.33 -8.70
C ARG M 82 18.78 36.23 -9.86
N SER M 83 18.44 35.82 -11.10
CA SER M 83 18.89 36.51 -12.30
C SER M 83 17.87 36.36 -13.41
N LEU M 84 17.78 37.37 -14.27
CA LEU M 84 16.93 37.33 -15.46
C LEU M 84 17.64 37.95 -16.64
N THR M 85 17.37 37.41 -17.83
CA THR M 85 17.88 37.93 -19.11
C THR M 85 16.70 37.88 -20.10
N PHE M 86 16.51 38.96 -20.85
CA PHE M 86 15.46 39.03 -21.89
C PHE M 86 16.13 39.24 -23.24
N LYS M 87 16.00 38.25 -24.11
CA LYS M 87 16.57 38.36 -25.46
C LYS M 87 15.44 38.73 -26.43
N THR M 88 15.66 39.78 -27.22
CA THR M 88 14.65 40.15 -28.22
C THR M 88 15.23 39.90 -29.62
N ASN M 89 14.44 40.21 -30.68
CA ASN M 89 14.92 40.13 -32.08
C ASN M 89 15.89 41.29 -32.36
N LYS M 90 16.08 42.21 -31.40
CA LYS M 90 16.99 43.36 -31.53
C LYS M 90 18.31 43.16 -30.76
N LYS M 91 18.23 42.82 -29.45
CA LYS M 91 19.41 42.68 -28.59
C LYS M 91 19.09 41.85 -27.34
N THR M 92 20.11 41.67 -26.49
CA THR M 92 19.99 40.97 -25.23
C THR M 92 20.01 41.96 -24.07
N TYR M 93 18.98 41.90 -23.22
CA TYR M 93 18.88 42.74 -22.04
C TYR M 93 19.24 41.89 -20.84
N GLY M 94 20.41 42.14 -20.27
CA GLY M 94 20.89 41.38 -19.12
C GLY M 94 22.19 40.66 -19.38
N PRO M 95 22.60 39.75 -18.48
CA PRO M 95 21.90 39.33 -17.24
C PRO M 95 21.77 40.39 -16.16
N TYR M 96 20.62 40.39 -15.48
CA TYR M 96 20.37 41.27 -14.34
C TYR M 96 20.33 40.39 -13.12
N GLY M 97 21.39 40.45 -12.33
CA GLY M 97 21.58 39.57 -11.19
C GLY M 97 22.64 38.54 -11.55
N VAL M 98 23.27 37.92 -10.56
CA VAL M 98 24.37 36.98 -10.85
C VAL M 98 23.90 35.72 -11.53
N THR M 99 24.73 35.22 -12.47
CA THR M 99 24.40 34.02 -13.22
C THR M 99 24.89 32.81 -12.46
N SER M 100 24.24 32.55 -11.31
CA SER M 100 24.58 31.45 -10.39
C SER M 100 23.35 30.77 -9.90
N GLY M 101 23.44 29.46 -9.77
CA GLY M 101 22.35 28.61 -9.32
C GLY M 101 21.92 27.65 -10.40
N THR M 102 20.63 27.35 -10.45
CA THR M 102 20.08 26.45 -11.45
C THR M 102 19.59 27.31 -12.62
N PRO M 103 20.15 27.16 -13.83
CA PRO M 103 19.63 27.95 -14.96
C PRO M 103 18.28 27.45 -15.44
N PHE M 104 17.53 28.35 -16.10
CA PHE M 104 16.31 27.98 -16.82
C PHE M 104 16.29 28.86 -18.07
N SER M 105 15.58 28.39 -19.13
CA SER M 105 15.49 29.15 -20.38
CA SER M 105 15.49 29.14 -20.39
C SER M 105 14.19 28.82 -21.10
N LEU M 106 13.55 29.85 -21.63
CA LEU M 106 12.33 29.68 -22.38
C LEU M 106 12.49 30.40 -23.71
N PRO M 107 13.06 29.73 -24.72
CA PRO M 107 13.09 30.33 -26.06
C PRO M 107 11.72 30.14 -26.69
N ILE M 108 11.31 31.10 -27.53
CA ILE M 108 10.02 31.04 -28.21
C ILE M 108 10.29 30.99 -29.70
N GLU M 109 9.83 29.93 -30.36
CA GLU M 109 10.01 29.77 -31.79
C GLU M 109 8.84 30.41 -32.54
N ASN M 110 7.62 30.31 -31.96
CA ASN M 110 6.42 30.91 -32.55
C ASN M 110 5.46 31.33 -31.43
N GLY M 111 5.02 32.58 -31.48
CA GLY M 111 4.17 33.09 -30.42
C GLY M 111 4.82 34.20 -29.61
N LEU M 112 4.09 34.69 -28.61
CA LEU M 112 4.51 35.86 -27.83
C LEU M 112 4.21 35.75 -26.36
N ILE M 113 5.05 36.38 -25.53
CA ILE M 113 4.74 36.53 -24.10
C ILE M 113 3.72 37.68 -24.02
N VAL M 114 2.59 37.46 -23.33
CA VAL M 114 1.54 38.48 -23.24
C VAL M 114 1.16 38.78 -21.80
N GLY M 115 1.88 38.23 -20.84
CA GLY M 115 1.54 38.47 -19.45
C GLY M 115 2.44 37.73 -18.49
N PHE M 116 2.46 38.20 -17.24
CA PHE M 116 3.27 37.60 -16.20
C PHE M 116 2.47 37.43 -14.92
N LYS M 117 2.84 36.39 -14.14
CA LYS M 117 2.27 36.18 -12.82
C LYS M 117 3.40 35.61 -11.95
N GLY M 118 3.25 35.65 -10.65
CA GLY M 118 4.29 35.15 -9.76
C GLY M 118 4.05 35.49 -8.32
N SER M 119 5.13 35.71 -7.57
CA SER M 119 5.00 36.09 -6.15
C SER M 119 6.27 36.78 -5.73
N ILE M 120 6.14 37.78 -4.88
CA ILE M 120 7.29 38.54 -4.41
C ILE M 120 7.16 38.74 -2.90
N GLY M 121 8.22 38.40 -2.16
CA GLY M 121 8.31 38.65 -0.73
C GLY M 121 9.44 39.63 -0.57
N TYR M 122 10.59 39.15 -0.07
CA TYR M 122 11.82 39.94 -0.05
C TYR M 122 12.31 39.95 -1.48
N TRP M 123 12.15 38.81 -2.20
CA TRP M 123 12.59 38.68 -3.58
C TRP M 123 11.52 38.03 -4.45
N LEU M 124 11.76 38.04 -5.77
CA LEU M 124 10.87 37.36 -6.71
C LEU M 124 10.96 35.85 -6.42
N ASP M 125 9.91 35.28 -5.81
CA ASP M 125 9.91 33.86 -5.42
C ASP M 125 9.81 32.92 -6.63
N TYR M 126 8.90 33.25 -7.56
CA TYR M 126 8.67 32.48 -8.78
C TYR M 126 7.89 33.32 -9.73
N PHE M 127 7.89 32.90 -10.98
CA PHE M 127 7.10 33.59 -11.99
C PHE M 127 6.71 32.63 -13.08
N SER M 128 5.62 32.98 -13.77
CA SER M 128 5.10 32.24 -14.92
C SER M 128 4.79 33.26 -16.01
N MET M 129 4.67 32.78 -17.25
CA MET M 129 4.40 33.66 -18.38
C MET M 129 3.23 33.15 -19.18
N TYR M 130 2.36 34.08 -19.61
CA TYR M 130 1.22 33.79 -20.48
C TYR M 130 1.78 33.84 -21.90
N LEU M 131 1.45 32.83 -22.74
CA LEU M 131 1.92 32.80 -24.12
C LEU M 131 0.73 32.77 -25.07
N SER M 132 0.83 33.48 -26.17
CA SER M 132 -0.27 33.48 -27.15
C SER M 132 0.25 33.68 -28.54
N LEU M 133 -0.59 33.38 -29.55
CA LEU M 133 -0.27 33.72 -30.94
C LEU M 133 -0.60 35.21 -31.15
N GLN N 3 -15.83 26.15 -18.23
CA GLN N 3 -16.91 26.73 -19.03
C GLN N 3 -17.40 28.01 -18.35
N SER N 4 -16.48 28.97 -18.19
CA SER N 4 -16.74 30.25 -17.55
C SER N 4 -16.64 31.40 -18.54
N GLY N 5 -17.03 32.58 -18.09
CA GLY N 5 -16.96 33.79 -18.89
C GLY N 5 -15.59 34.42 -18.93
N ILE N 6 -14.54 33.71 -18.44
CA ILE N 6 -13.17 34.23 -18.43
C ILE N 6 -12.34 33.59 -19.54
N SER N 7 -11.72 34.41 -20.42
CA SER N 7 -10.85 33.86 -21.48
C SER N 7 -9.58 33.22 -20.87
N GLN N 8 -9.09 32.19 -21.55
CA GLN N 8 -7.95 31.37 -21.11
C GLN N 8 -6.81 31.52 -22.10
N THR N 9 -5.58 31.30 -21.61
CA THR N 9 -4.36 31.44 -22.40
C THR N 9 -3.39 30.37 -21.91
N VAL N 10 -2.49 29.91 -22.79
CA VAL N 10 -1.41 29.00 -22.39
C VAL N 10 -0.57 29.73 -21.33
N ILE N 11 -0.14 29.01 -20.29
CA ILE N 11 0.75 29.59 -19.25
C ILE N 11 1.88 28.60 -19.02
N VAL N 12 3.12 29.08 -19.09
CA VAL N 12 4.30 28.24 -18.82
C VAL N 12 4.97 28.76 -17.55
N GLY N 13 5.51 27.82 -16.77
CA GLY N 13 6.10 28.07 -15.48
C GLY N 13 5.33 27.29 -14.41
N PRO N 14 5.58 27.57 -13.13
CA PRO N 14 6.51 28.60 -12.63
C PRO N 14 7.96 28.16 -12.56
N TRP N 15 8.87 29.13 -12.63
CA TRP N 15 10.29 28.93 -12.38
C TRP N 15 10.58 29.68 -11.08
N GLY N 16 11.32 29.05 -10.19
CA GLY N 16 11.62 29.58 -8.85
C GLY N 16 11.17 28.60 -7.82
N ALA N 17 10.60 29.10 -6.70
CA ALA N 17 10.11 28.23 -5.63
C ALA N 17 8.98 27.34 -6.21
N GLN N 18 9.00 26.05 -5.87
CA GLN N 18 8.04 25.06 -6.37
C GLN N 18 7.07 24.60 -5.28
N GLY O 1 23.00 15.36 -39.11
CA GLY O 1 21.91 15.85 -38.27
C GLY O 1 20.67 16.16 -39.11
N LYS O 2 19.67 15.27 -39.08
CA LYS O 2 18.44 15.42 -39.84
C LYS O 2 17.33 16.08 -39.04
N ALA O 3 16.83 17.21 -39.54
CA ALA O 3 15.75 17.90 -38.86
C ALA O 3 14.45 17.14 -39.04
N PHE O 4 13.57 17.24 -38.05
CA PHE O 4 12.26 16.65 -38.17
C PHE O 4 11.21 17.59 -37.61
N ASP O 5 9.94 17.42 -38.07
CA ASP O 5 8.86 18.28 -37.55
C ASP O 5 7.55 17.53 -37.65
N ASP O 6 7.03 17.04 -36.51
CA ASP O 6 5.78 16.25 -36.54
C ASP O 6 4.55 17.09 -36.81
N GLY O 7 4.63 18.38 -36.48
CA GLY O 7 3.46 19.24 -36.56
C GLY O 7 2.64 19.14 -35.29
N VAL O 8 1.41 19.59 -35.36
CA VAL O 8 0.48 19.73 -34.23
C VAL O 8 -0.64 18.71 -34.30
N PHE O 9 -1.06 18.20 -33.12
CA PHE O 9 -2.12 17.21 -32.97
C PHE O 9 -3.05 17.61 -31.82
N THR O 10 -3.84 16.68 -31.30
CA THR O 10 -4.78 17.03 -30.24
C THR O 10 -4.36 16.57 -28.84
N GLY O 11 -3.21 15.92 -28.74
CA GLY O 11 -2.72 15.41 -27.46
C GLY O 11 -1.66 14.34 -27.66
N ILE O 12 -1.22 13.72 -26.55
CA ILE O 12 -0.15 12.71 -26.61
C ILE O 12 -0.64 11.45 -25.92
N ARG O 13 -0.40 10.31 -26.56
CA ARG O 13 -0.77 8.98 -26.02
C ARG O 13 0.43 8.18 -25.57
N GLU O 14 1.55 8.25 -26.31
CA GLU O 14 2.73 7.48 -25.95
C GLU O 14 3.98 8.19 -26.48
N ILE O 15 5.11 8.04 -25.76
CA ILE O 15 6.41 8.53 -26.23
C ILE O 15 7.36 7.31 -26.23
N ASN O 16 8.01 7.06 -27.37
CA ASN O 16 8.96 5.96 -27.49
C ASN O 16 10.31 6.56 -27.79
N LEU O 17 11.23 6.45 -26.84
CA LEU O 17 12.55 7.01 -27.06
C LEU O 17 13.66 6.01 -26.74
N SER O 18 14.89 6.35 -27.11
CA SER O 18 16.07 5.54 -26.84
CA SER O 18 16.05 5.54 -26.80
C SER O 18 17.14 6.41 -26.23
N TYR O 19 17.94 5.84 -25.32
CA TYR O 19 19.00 6.60 -24.67
C TYR O 19 20.21 5.70 -24.40
N ASN O 20 21.35 6.32 -24.09
CA ASN O 20 22.57 5.61 -23.72
C ASN O 20 23.09 6.28 -22.44
N LYS O 21 23.25 5.51 -21.36
CA LYS O 21 23.70 6.00 -20.04
C LYS O 21 25.08 6.66 -20.02
N GLU O 22 25.81 6.62 -21.14
CA GLU O 22 27.13 7.23 -21.28
C GLU O 22 27.21 8.40 -22.25
N THR O 23 26.21 8.54 -23.14
CA THR O 23 26.22 9.60 -24.15
C THR O 23 25.04 10.54 -24.04
N ALA O 24 23.94 10.23 -24.76
CA ALA O 24 22.77 11.08 -24.84
C ALA O 24 21.52 10.35 -25.34
N ILE O 25 20.43 11.11 -25.62
CA ILE O 25 19.20 10.53 -26.17
C ILE O 25 19.49 10.19 -27.62
N GLY O 26 18.89 9.10 -28.09
CA GLY O 26 19.01 8.63 -29.45
C GLY O 26 17.74 8.84 -30.22
N ASP O 27 16.98 7.76 -30.45
CA ASP O 27 15.71 7.76 -31.19
C ASP O 27 14.60 8.48 -30.44
N PHE O 28 13.61 9.01 -31.18
CA PHE O 28 12.48 9.74 -30.57
C PHE O 28 11.25 9.61 -31.45
N GLN O 29 10.14 9.14 -30.86
CA GLN O 29 8.90 8.87 -31.56
C GLN O 29 7.73 9.16 -30.64
N VAL O 30 6.61 9.64 -31.22
CA VAL O 30 5.41 9.96 -30.43
C VAL O 30 4.18 9.40 -31.09
N VAL O 31 3.33 8.74 -30.28
CA VAL O 31 2.01 8.33 -30.73
C VAL O 31 1.12 9.47 -30.22
N TYR O 32 0.60 10.27 -31.15
CA TYR O 32 -0.25 11.41 -30.80
C TYR O 32 -1.71 11.01 -30.74
N ASP O 33 -2.52 11.88 -30.13
CA ASP O 33 -3.95 11.73 -30.23
C ASP O 33 -4.33 12.64 -31.38
N LEU O 34 -5.17 12.14 -32.26
CA LEU O 34 -5.71 12.94 -33.35
C LEU O 34 -7.20 12.80 -33.28
N ASN O 35 -7.86 13.80 -32.66
CA ASN O 35 -9.32 13.84 -32.56
C ASN O 35 -9.93 12.53 -32.02
N GLY O 36 -9.36 12.01 -30.94
CA GLY O 36 -9.88 10.81 -30.27
C GLY O 36 -9.38 9.46 -30.75
N SER O 37 -8.47 9.44 -31.75
CA SER O 37 -7.86 8.22 -32.25
C SER O 37 -6.34 8.34 -32.22
N PRO O 38 -5.59 7.23 -32.03
CA PRO O 38 -4.12 7.35 -32.08
C PRO O 38 -3.61 7.69 -33.48
N TYR O 39 -2.53 8.47 -33.52
CA TYR O 39 -1.86 8.83 -34.76
C TYR O 39 -0.39 8.52 -34.49
N VAL O 40 0.13 7.49 -35.19
CA VAL O 40 1.50 7.04 -34.99
C VAL O 40 2.44 7.97 -35.71
N GLY O 41 3.17 8.76 -34.94
CA GLY O 41 4.14 9.69 -35.51
C GLY O 41 5.33 8.91 -36.04
N GLU O 42 6.06 9.51 -36.97
CA GLU O 42 7.25 8.87 -37.52
C GLU O 42 8.32 8.67 -36.43
N ASN O 43 9.04 7.56 -36.49
CA ASN O 43 10.13 7.28 -35.54
C ASN O 43 11.40 7.97 -36.07
N HIS O 44 11.87 8.99 -35.35
CA HIS O 44 13.06 9.77 -35.73
C HIS O 44 14.26 9.06 -35.16
N LYS O 45 15.06 8.48 -36.05
CA LYS O 45 16.15 7.59 -35.65
C LYS O 45 17.55 8.16 -35.67
N SER O 46 18.36 7.77 -34.66
CA SER O 46 19.78 8.04 -34.60
C SER O 46 20.47 7.37 -35.81
N PHE O 47 21.57 7.94 -36.30
CA PHE O 47 22.37 7.31 -37.38
C PHE O 47 23.29 6.18 -36.82
N ILE O 48 23.37 6.04 -35.49
CA ILE O 48 24.15 4.98 -34.83
C ILE O 48 23.23 4.07 -34.00
N THR O 49 23.74 2.91 -33.57
CA THR O 49 22.94 2.00 -32.76
C THR O 49 23.49 1.95 -31.31
N GLY O 50 23.01 1.00 -30.52
CA GLY O 50 23.51 0.79 -29.16
C GLY O 50 22.73 1.49 -28.06
N PHE O 51 21.56 2.03 -28.39
CA PHE O 51 20.74 2.71 -27.39
C PHE O 51 19.81 1.73 -26.71
N THR O 52 19.29 2.14 -25.55
CA THR O 52 18.35 1.35 -24.76
C THR O 52 16.95 1.93 -25.00
N PRO O 53 15.96 1.13 -25.47
CA PRO O 53 14.63 1.70 -25.71
C PRO O 53 13.77 1.78 -24.46
N VAL O 54 12.88 2.79 -24.45
CA VAL O 54 11.91 2.96 -23.37
C VAL O 54 10.58 3.43 -23.95
N LYS O 55 9.50 2.84 -23.45
CA LYS O 55 8.14 3.21 -23.83
C LYS O 55 7.48 3.96 -22.67
N ILE O 56 7.14 5.22 -22.88
CA ILE O 56 6.45 6.06 -21.89
C ILE O 56 4.99 6.01 -22.41
N SER O 57 4.19 5.14 -21.79
CA SER O 57 2.79 4.89 -22.18
C SER O 57 1.88 5.71 -21.27
N LEU O 58 1.22 6.75 -21.82
CA LEU O 58 0.34 7.62 -21.04
C LEU O 58 -1.11 7.17 -21.00
N ASP O 59 -1.73 7.31 -19.81
CA ASP O 59 -3.13 6.96 -19.62
C ASP O 59 -3.98 8.11 -20.18
N PHE O 60 -4.01 8.24 -21.52
CA PHE O 60 -4.72 9.30 -22.23
C PHE O 60 -6.24 9.15 -22.10
N PRO O 61 -7.02 10.24 -21.88
CA PRO O 61 -6.63 11.65 -21.68
C PRO O 61 -6.57 12.13 -20.23
N SER O 62 -6.81 11.23 -19.27
CA SER O 62 -6.77 11.57 -17.83
C SER O 62 -5.37 11.93 -17.37
N GLU O 63 -4.35 11.35 -18.04
CA GLU O 63 -2.93 11.60 -17.78
C GLU O 63 -2.32 12.40 -18.91
N TYR O 64 -1.62 13.47 -18.55
CA TYR O 64 -1.00 14.37 -19.52
C TYR O 64 0.24 14.99 -18.94
N ILE O 65 1.20 15.34 -19.82
CA ILE O 65 2.48 15.91 -19.40
C ILE O 65 2.30 17.31 -18.84
N MET O 66 2.82 17.53 -17.62
CA MET O 66 2.81 18.81 -16.91
C MET O 66 4.19 19.49 -16.94
N GLU O 67 5.27 18.72 -17.17
CA GLU O 67 6.64 19.26 -17.21
C GLU O 67 7.57 18.37 -18.01
N VAL O 68 8.41 19.01 -18.84
CA VAL O 68 9.47 18.33 -19.58
C VAL O 68 10.77 18.97 -19.13
N SER O 69 11.71 18.15 -18.65
CA SER O 69 12.99 18.65 -18.20
C SER O 69 14.11 17.75 -18.73
N GLY O 70 15.34 18.21 -18.59
CA GLY O 70 16.51 17.45 -19.03
C GLY O 70 17.80 18.21 -18.91
N TYR O 71 18.80 17.78 -19.66
CA TYR O 71 20.13 18.34 -19.70
C TYR O 71 20.66 18.39 -21.12
N THR O 72 21.44 19.43 -21.41
CA THR O 72 22.13 19.57 -22.70
C THR O 72 23.62 19.70 -22.38
N GLY O 73 24.44 19.11 -23.21
CA GLY O 73 25.88 19.14 -23.02
C GLY O 73 26.64 18.62 -24.21
N LYS O 74 27.98 18.75 -24.16
CA LYS O 74 28.88 18.30 -25.22
C LYS O 74 29.07 16.80 -25.22
N VAL O 75 28.89 16.18 -26.39
CA VAL O 75 29.17 14.75 -26.63
C VAL O 75 29.95 14.70 -27.94
N SER O 76 31.26 14.31 -27.86
CA SER O 76 32.17 14.22 -29.00
C SER O 76 32.26 15.53 -29.83
N GLY O 77 32.22 16.65 -29.12
CA GLY O 77 32.30 17.99 -29.70
C GLY O 77 30.97 18.61 -30.11
N TYR O 78 29.86 17.85 -29.98
CA TYR O 78 28.52 18.30 -30.36
C TYR O 78 27.66 18.62 -29.14
N VAL O 79 26.91 19.73 -29.19
CA VAL O 79 25.97 20.09 -28.12
C VAL O 79 24.71 19.30 -28.40
N VAL O 80 24.33 18.40 -27.48
CA VAL O 80 23.17 17.53 -27.67
C VAL O 80 22.27 17.49 -26.43
N VAL O 81 21.10 16.84 -26.56
CA VAL O 81 20.15 16.62 -25.46
C VAL O 81 20.61 15.32 -24.80
N ARG O 82 21.26 15.44 -23.65
CA ARG O 82 21.83 14.30 -22.95
C ARG O 82 20.86 13.49 -22.12
N SER O 83 19.81 14.15 -21.62
CA SER O 83 18.82 13.53 -20.77
C SER O 83 17.46 14.17 -20.93
N LEU O 84 16.41 13.36 -20.69
CA LEU O 84 15.02 13.81 -20.70
C LEU O 84 14.25 13.17 -19.56
N THR O 85 13.32 13.95 -19.00
CA THR O 85 12.40 13.53 -17.95
C THR O 85 11.01 14.09 -18.30
N PHE O 86 9.97 13.24 -18.21
CA PHE O 86 8.57 13.63 -18.45
C PHE O 86 7.77 13.45 -17.18
N LYS O 87 7.30 14.57 -16.63
CA LYS O 87 6.48 14.57 -15.42
C LYS O 87 5.04 14.80 -15.84
N THR O 88 4.17 13.85 -15.48
CA THR O 88 2.75 13.98 -15.75
C THR O 88 2.04 14.30 -14.45
N ASN O 89 0.72 14.46 -14.51
CA ASN O 89 -0.12 14.69 -13.32
C ASN O 89 -0.21 13.42 -12.48
N LYS O 90 0.33 12.30 -13.00
CA LYS O 90 0.28 11.00 -12.33
C LYS O 90 1.63 10.45 -11.88
N LYS O 91 2.67 10.56 -12.72
CA LYS O 91 4.00 9.99 -12.44
C LYS O 91 5.13 10.80 -13.07
N THR O 92 6.37 10.39 -12.74
CA THR O 92 7.57 10.93 -13.37
C THR O 92 8.23 9.80 -14.14
N TYR O 93 8.51 10.04 -15.43
CA TYR O 93 9.17 9.07 -16.30
C TYR O 93 10.55 9.63 -16.56
N GLY O 94 11.58 8.91 -16.12
CA GLY O 94 12.95 9.37 -16.27
C GLY O 94 13.61 9.74 -14.96
N PRO O 95 14.84 10.31 -14.94
CA PRO O 95 15.69 10.70 -16.07
C PRO O 95 16.21 9.57 -16.94
N TYR O 96 16.16 9.78 -18.26
CA TYR O 96 16.69 8.84 -19.26
C TYR O 96 17.89 9.52 -19.88
N GLY O 97 19.03 8.87 -19.85
CA GLY O 97 20.28 9.41 -20.39
C GLY O 97 21.29 9.82 -19.33
N VAL O 98 22.03 10.91 -19.59
CA VAL O 98 23.10 11.42 -18.73
C VAL O 98 22.69 12.77 -18.12
N THR O 99 22.55 12.79 -16.78
CA THR O 99 22.18 13.97 -15.97
C THR O 99 23.41 14.91 -15.81
N SER O 100 24.02 15.30 -16.92
CA SER O 100 25.20 16.17 -16.89
C SER O 100 25.14 17.26 -17.93
N GLY O 101 25.63 18.43 -17.55
CA GLY O 101 25.70 19.60 -18.42
C GLY O 101 24.88 20.74 -17.90
N THR O 102 24.11 21.36 -18.80
CA THR O 102 23.24 22.50 -18.47
C THR O 102 21.80 22.02 -18.37
N PRO O 103 21.14 22.16 -17.20
CA PRO O 103 19.74 21.74 -17.11
C PRO O 103 18.77 22.71 -17.81
N PHE O 104 17.58 22.21 -18.15
CA PHE O 104 16.47 22.99 -18.68
C PHE O 104 15.19 22.37 -18.16
N SER O 105 14.12 23.19 -18.04
CA SER O 105 12.83 22.77 -17.49
CA SER O 105 12.81 22.68 -17.60
C SER O 105 11.68 23.51 -18.17
N LEU O 106 10.65 22.82 -18.64
CA LEU O 106 9.46 23.46 -19.21
C LEU O 106 8.26 22.96 -18.42
N PRO O 107 7.90 23.67 -17.35
CA PRO O 107 6.66 23.34 -16.65
C PRO O 107 5.49 24.05 -17.37
N ILE O 108 4.33 23.38 -17.41
CA ILE O 108 3.13 23.94 -18.04
C ILE O 108 2.07 24.13 -16.98
N GLU O 109 1.67 25.38 -16.78
CA GLU O 109 0.65 25.73 -15.81
C GLU O 109 -0.75 25.60 -16.40
N ASN O 110 -0.92 25.95 -17.69
CA ASN O 110 -2.20 25.85 -18.38
C ASN O 110 -1.91 25.56 -19.84
N GLY O 111 -2.49 24.49 -20.36
CA GLY O 111 -2.25 24.11 -21.75
C GLY O 111 -1.64 22.73 -21.86
N LEU O 112 -1.31 22.33 -23.10
CA LEU O 112 -0.83 20.99 -23.40
C LEU O 112 0.21 20.98 -24.49
N ILE O 113 1.11 19.99 -24.43
CA ILE O 113 2.07 19.72 -25.51
C ILE O 113 1.27 18.94 -26.54
N VAL O 114 1.31 19.41 -27.78
CA VAL O 114 0.54 18.78 -28.89
C VAL O 114 1.43 18.44 -30.08
N GLY O 115 2.75 18.56 -29.93
CA GLY O 115 3.64 18.22 -31.03
C GLY O 115 5.10 18.43 -30.70
N PHE O 116 5.97 17.74 -31.44
CA PHE O 116 7.41 17.88 -31.27
C PHE O 116 8.09 18.11 -32.60
N LYS O 117 9.21 18.81 -32.55
CA LYS O 117 10.09 19.01 -33.70
C LYS O 117 11.51 19.06 -33.19
N GLY O 118 12.48 18.85 -34.06
CA GLY O 118 13.87 18.89 -33.62
C GLY O 118 14.83 18.40 -34.68
N SER O 119 15.93 17.76 -34.23
CA SER O 119 16.94 17.22 -35.12
C SER O 119 17.66 16.10 -34.41
N ILE O 120 18.00 15.04 -35.16
CA ILE O 120 18.74 13.89 -34.67
C ILE O 120 19.87 13.55 -35.66
N GLY O 121 21.08 13.38 -35.13
CA GLY O 121 22.24 12.91 -35.90
C GLY O 121 22.65 11.60 -35.26
N TYR O 122 23.77 11.60 -34.52
CA TYR O 122 24.14 10.44 -33.73
C TYR O 122 23.23 10.50 -32.48
N TRP O 123 22.94 11.74 -32.00
CA TRP O 123 22.09 11.95 -30.84
C TRP O 123 21.02 13.02 -31.13
N LEU O 124 20.04 13.17 -30.23
CA LEU O 124 19.02 14.20 -30.35
C LEU O 124 19.75 15.55 -30.16
N ASP O 125 19.90 16.30 -31.26
CA ASP O 125 20.62 17.58 -31.28
C ASP O 125 19.88 18.65 -30.48
N TYR O 126 18.61 18.83 -30.79
CA TYR O 126 17.75 19.80 -30.14
C TYR O 126 16.32 19.42 -30.38
N PHE O 127 15.39 20.02 -29.62
CA PHE O 127 13.96 19.81 -29.83
C PHE O 127 13.15 21.02 -29.38
N SER O 128 11.96 21.15 -29.97
CA SER O 128 10.99 22.18 -29.62
C SER O 128 9.65 21.52 -29.45
N MET O 129 8.73 22.19 -28.73
CA MET O 129 7.41 21.65 -28.48
C MET O 129 6.29 22.62 -28.89
N TYR O 130 5.23 22.08 -29.54
CA TYR O 130 4.03 22.84 -29.88
C TYR O 130 3.16 22.83 -28.65
N LEU O 131 2.65 24.01 -28.24
CA LEU O 131 1.74 24.13 -27.09
C LEU O 131 0.41 24.66 -27.50
N SER O 132 -0.64 24.14 -26.91
CA SER O 132 -1.99 24.65 -27.20
C SER O 132 -2.89 24.50 -26.00
N LEU O 133 -4.02 25.22 -26.02
CA LEU O 133 -5.08 24.99 -25.04
C LEU O 133 -5.84 23.73 -25.52
N GLN P 3 -2.24 36.24 -43.77
CA GLN P 3 -3.37 35.85 -44.63
C GLN P 3 -3.06 34.49 -45.32
N SER P 4 -2.65 33.48 -44.52
CA SER P 4 -2.35 32.13 -44.99
C SER P 4 -3.43 31.14 -44.49
N GLY P 5 -3.63 30.08 -45.24
CA GLY P 5 -4.61 29.05 -44.92
C GLY P 5 -4.09 27.93 -44.04
N ILE P 6 -2.95 28.14 -43.37
CA ILE P 6 -2.32 27.14 -42.48
C ILE P 6 -2.49 27.57 -41.04
N SER P 7 -3.14 26.70 -40.22
CA SER P 7 -3.34 26.97 -38.79
C SER P 7 -1.96 27.08 -38.09
N GLN P 8 -1.86 28.01 -37.12
CA GLN P 8 -0.61 28.27 -36.39
C GLN P 8 -0.75 27.83 -34.95
N THR P 9 0.39 27.50 -34.31
CA THR P 9 0.39 27.08 -32.94
C THR P 9 1.62 27.67 -32.23
N VAL P 10 1.52 27.93 -30.92
CA VAL P 10 2.68 28.38 -30.13
C VAL P 10 3.74 27.27 -30.14
N ILE P 11 5.02 27.65 -30.32
CA ILE P 11 6.14 26.69 -30.30
C ILE P 11 7.19 27.25 -29.36
N VAL P 12 7.59 26.44 -28.37
CA VAL P 12 8.65 26.77 -27.41
C VAL P 12 9.88 25.89 -27.72
N GLY P 13 11.06 26.47 -27.48
CA GLY P 13 12.32 25.85 -27.82
C GLY P 13 13.05 26.63 -28.90
N PRO P 14 14.13 26.08 -29.46
CA PRO P 14 14.69 24.76 -29.14
C PRO P 14 15.62 24.72 -27.93
N TRP P 15 15.71 23.52 -27.32
CA TRP P 15 16.66 23.22 -26.27
C TRP P 15 17.65 22.24 -26.90
N GLY P 16 18.94 22.52 -26.78
CA GLY P 16 20.04 21.74 -27.37
C GLY P 16 20.96 22.62 -28.18
N ALA P 17 21.54 22.07 -29.27
CA ALA P 17 22.41 22.82 -30.18
C ALA P 17 21.65 23.97 -30.89
N GLN P 18 22.35 25.08 -31.18
CA GLN P 18 21.79 26.24 -31.87
C GLN P 18 22.81 27.01 -32.70
C2 P6G Q . 0.04 -41.04 1.58
C3 P6G Q . -0.26 -42.21 2.50
O4 P6G Q . -1.56 -42.06 3.09
C5 P6G Q . -2.04 -43.25 3.73
C6 P6G Q . -1.98 -43.06 5.24
O7 P6G Q . -3.25 -42.65 5.74
C8 P6G Q . -3.11 -41.94 6.96
C9 P6G Q . -4.44 -42.01 7.71
O10 P6G Q . -5.46 -41.34 6.94
C2 P6G R . -37.36 -22.79 3.80
C3 P6G R . -36.69 -22.55 5.14
O4 P6G R . -35.63 -23.50 5.35
C5 P6G R . -34.66 -23.02 6.30
C6 P6G R . -34.97 -23.56 7.71
O7 P6G R . -35.32 -22.49 8.59
C2 P6G S . -32.32 0.78 -22.94
C3 P6G S . -30.85 0.42 -22.75
O4 P6G S . -30.26 -0.08 -23.96
C5 P6G S . -29.64 0.98 -24.71
C6 P6G S . -28.69 0.45 -25.79
O7 P6G S . -27.36 0.31 -25.23
O1 P6G T . -26.36 -12.26 37.83
C2 P6G T . -25.82 -12.64 39.10
C3 P6G T . -24.64 -13.60 38.89
O4 P6G T . -25.02 -14.71 38.07
C5 P6G T . -25.08 -15.91 38.84
C6 P6G T . -25.09 -17.11 37.92
O7 P6G T . -23.75 -17.46 37.58
C8 P6G T . -23.76 -18.56 36.69
C9 P6G T . -22.35 -19.03 36.39
O10 P6G T . -21.55 -17.91 35.97
C2 P6G U . 8.33 37.28 2.76
C3 P6G U . 9.33 36.15 2.54
O4 P6G U . 10.20 36.42 1.43
C5 P6G U . 10.51 35.19 0.77
C6 P6G U . 11.60 35.43 -0.25
O7 P6G U . 11.12 36.37 -1.25
C2 P6G V . 24.07 12.41 -40.22
C3 P6G V . 25.08 12.11 -39.10
O4 P6G V . 24.88 12.97 -37.95
C5 P6G V . 25.86 14.00 -37.84
C6 P6G V . 26.53 13.98 -36.46
O7 P6G V . 25.58 14.08 -35.41
C8 P6G V . 26.21 14.29 -34.15
C9 P6G V . 25.28 14.99 -33.16
O10 P6G V . 24.07 14.24 -32.98
#